data_5W70
#
_entry.id   5W70
#
_cell.length_a   101.072
_cell.length_b   101.072
_cell.length_c   160.004
_cell.angle_alpha   90.00
_cell.angle_beta   90.00
_cell.angle_gamma   90.00
#
_symmetry.space_group_name_H-M   'P 41 21 2'
#
loop_
_entity.id
_entity.type
_entity.pdbx_description
1 polymer 'L-glutamine:2-deoxy-scyllo-inosose aminotransferase'
2 non-polymer '[4-({[(1R,2S,3S,4R,5S)-5-amino-2,3,4-trihydroxycyclohexyl]amino}methyl)-5-hydroxy-6-methylpyridin-3-yl]methyl dihydrogen phosphate'
3 non-polymer 1,2-ETHANEDIOL
4 water water
#
_entity_poly.entity_id   1
_entity_poly.type   'polypeptide(L)'
_entity_poly.pdbx_seq_one_letter_code
;MGSSHHHHHHSSENLYFQGGGMVSQLAVKGGEALRTRPWPAWPQPAPGVPDAVADVLGSGRWSISGPYRGTESYERRFAR
AFAAYNGVPHCVPAASGTASLMLALEACGIGAGDEVIVPGLSWVASGSTILGVNAVPIFCDVDPDTLCLSPEAVEAAITE
HTRAIVVVHLYSALADMDALSAIAERHGLPLIEDCAQAHGATYRGVKVGALATAGTFSMQHSKVLTSGEGGAVITRDEDF
ARRVEHLRADGRCLSAVPPAPGAMELVETGELMGNNRCLSEFQAAILAEQLTILDEQNETRRANAAHLDGLLGELGLRPQ
TTSDGTTSRTYYTYAVRLPDGVLEDVPVTDVSCALTAELGFPVLPSYAPIPANRLYTPHTRRRYTLGLDHERRIDPKRFA
LPVCEDAARRTVTLHHAALLGDADDMGDIAAAFAKVLRHGAGLMH
;
_entity_poly.pdbx_strand_id   A,B
#
loop_
_chem_comp.id
_chem_comp.type
_chem_comp.name
_chem_comp.formula
9YM non-polymer '[4-({[(1R,2S,3S,4R,5S)-5-amino-2,3,4-trihydroxycyclohexyl]amino}methyl)-5-hydroxy-6-methylpyridin-3-yl]methyl dihydrogen phosphate' 'C14 H24 N3 O8 P'
EDO non-polymer 1,2-ETHANEDIOL 'C2 H6 O2'
#
# COMPACT_ATOMS: atom_id res chain seq x y z
N GLN A 25 -31.50 35.48 3.02
CA GLN A 25 -31.51 34.74 4.31
C GLN A 25 -30.46 33.60 4.33
N LEU A 26 -30.37 32.77 3.29
CA LEU A 26 -29.35 31.70 3.19
C LEU A 26 -27.94 32.17 2.91
N ALA A 27 -26.95 31.72 3.69
CA ALA A 27 -25.57 32.14 3.42
C ALA A 27 -25.10 31.90 1.97
N VAL A 28 -25.39 30.74 1.36
CA VAL A 28 -25.05 30.53 -0.06
C VAL A 28 -25.57 31.61 -1.01
N LYS A 29 -26.68 32.26 -0.71
CA LYS A 29 -27.20 33.35 -1.53
C LYS A 29 -26.92 34.68 -0.82
N GLY A 30 -25.72 34.81 -0.23
CA GLY A 30 -25.32 36.04 0.44
C GLY A 30 -25.90 36.43 1.79
N GLY A 31 -26.64 35.54 2.43
CA GLY A 31 -27.15 35.81 3.78
C GLY A 31 -26.10 35.72 4.87
N GLU A 32 -26.54 35.76 6.12
CA GLU A 32 -25.65 35.66 7.28
C GLU A 32 -25.52 34.15 7.63
N ALA A 33 -24.30 33.63 7.80
CA ALA A 33 -24.13 32.23 8.21
C ALA A 33 -24.71 32.06 9.61
N LEU A 34 -25.26 30.91 9.94
CA LEU A 34 -25.56 30.61 11.34
C LEU A 34 -24.26 30.43 12.10
N ARG A 35 -23.29 29.71 11.54
CA ARG A 35 -22.03 29.41 12.21
C ARG A 35 -20.83 29.36 11.26
N THR A 36 -19.72 29.96 11.69
CA THR A 36 -18.45 29.87 10.97
C THR A 36 -17.27 29.35 11.81
N ARG A 37 -17.40 29.24 13.14
CA ARG A 37 -16.27 28.84 13.99
C ARG A 37 -15.83 27.41 13.69
N PRO A 38 -14.60 27.05 14.08
CA PRO A 38 -14.13 25.69 13.82
C PRO A 38 -14.89 24.61 14.61
N TRP A 39 -14.97 23.44 13.97
CA TRP A 39 -15.47 22.20 14.55
C TRP A 39 -14.28 21.43 15.15
N PRO A 40 -14.53 20.29 15.81
CA PRO A 40 -13.36 19.56 16.33
C PRO A 40 -12.33 19.13 15.28
N ALA A 41 -11.06 19.29 15.63
CA ALA A 41 -9.96 18.75 14.80
C ALA A 41 -9.98 17.22 14.73
N TRP A 42 -9.54 16.71 13.60
CA TRP A 42 -9.42 15.30 13.41
C TRP A 42 -8.13 15.11 12.63
N PRO A 43 -7.24 14.18 12.99
CA PRO A 43 -7.38 13.24 14.10
C PRO A 43 -6.94 13.83 15.41
N GLN A 44 -7.32 13.12 16.48
CA GLN A 44 -6.99 13.42 17.87
C GLN A 44 -5.86 12.49 18.32
N PRO A 45 -4.65 13.08 18.47
CA PRO A 45 -3.51 12.23 18.72
C PRO A 45 -3.59 11.68 20.12
N ALA A 46 -3.35 10.39 20.33
CA ALA A 46 -3.32 9.80 21.66
C ALA A 46 -2.05 10.24 22.37
N PRO A 47 -2.08 10.34 23.71
CA PRO A 47 -0.95 10.93 24.41
C PRO A 47 0.38 10.13 24.25
N GLY A 48 0.33 8.84 23.99
CA GLY A 48 1.52 8.01 23.94
C GLY A 48 2.21 7.98 22.61
N VAL A 49 1.68 8.68 21.62
CA VAL A 49 2.22 8.52 20.24
C VAL A 49 3.68 9.00 20.09
N PRO A 50 4.02 10.20 20.57
CA PRO A 50 5.42 10.62 20.34
C PRO A 50 6.44 9.68 20.97
N ASP A 51 6.17 9.12 22.15
CA ASP A 51 7.05 8.11 22.75
C ASP A 51 7.08 6.85 21.92
N ALA A 52 5.95 6.40 21.43
CA ALA A 52 5.96 5.16 20.69
C ALA A 52 6.73 5.38 19.39
N VAL A 53 6.60 6.53 18.75
CA VAL A 53 7.29 6.82 17.50
C VAL A 53 8.79 6.93 17.73
N ALA A 54 9.18 7.55 18.85
CA ALA A 54 10.59 7.70 19.24
C ALA A 54 11.21 6.33 19.42
N ASP A 55 10.48 5.44 20.10
CA ASP A 55 10.95 4.08 20.26
C ASP A 55 11.12 3.36 18.89
N VAL A 56 10.19 3.59 17.97
CA VAL A 56 10.39 3.05 16.62
C VAL A 56 11.62 3.62 16.00
N LEU A 57 11.81 4.92 16.14
CA LEU A 57 12.89 5.58 15.42
C LEU A 57 14.26 5.01 15.74
N GLY A 58 14.45 4.72 17.03
CA GLY A 58 15.64 4.07 17.57
C GLY A 58 15.74 2.55 17.55
N SER A 59 14.72 1.83 17.08
CA SER A 59 14.64 0.39 17.09
C SER A 59 15.57 -0.37 16.18
N GLY A 60 16.11 0.28 15.16
CA GLY A 60 16.79 -0.45 14.09
C GLY A 60 15.92 -1.41 13.32
N ARG A 61 14.63 -1.13 13.23
CA ARG A 61 13.64 -1.94 12.44
C ARG A 61 12.36 -1.14 12.23
N TRP A 62 12.17 -0.68 11.03
CA TRP A 62 11.07 0.26 10.75
C TRP A 62 9.94 -0.41 9.95
N SER A 63 10.18 -1.64 9.46
CA SER A 63 9.13 -2.51 8.99
C SER A 63 9.45 -3.90 9.44
N ILE A 64 8.38 -4.67 9.42
CA ILE A 64 8.37 -6.09 9.68
C ILE A 64 9.38 -6.85 8.79
N SER A 65 9.50 -6.41 7.54
CA SER A 65 10.47 -6.94 6.58
C SER A 65 11.94 -6.62 6.90
N GLY A 66 12.21 -5.73 7.85
CA GLY A 66 13.55 -5.65 8.41
C GLY A 66 13.87 -6.77 9.39
N PRO A 67 15.15 -7.05 9.57
CA PRO A 67 15.53 -8.13 10.49
C PRO A 67 15.04 -8.02 11.93
N TYR A 68 14.88 -9.18 12.59
CA TYR A 68 14.57 -9.25 14.02
C TYR A 68 15.71 -8.59 14.83
N ARG A 69 15.36 -7.88 15.89
CA ARG A 69 16.29 -7.11 16.73
C ARG A 69 16.22 -7.46 18.21
N GLY A 70 15.58 -8.60 18.52
CA GLY A 70 15.43 -9.07 19.89
C GLY A 70 14.13 -8.72 20.60
N THR A 71 13.29 -7.81 20.11
CA THR A 71 11.97 -7.53 20.72
C THR A 71 10.89 -7.54 19.65
N GLU A 72 9.64 -7.56 20.14
CA GLU A 72 8.48 -7.70 19.30
C GLU A 72 8.28 -6.40 18.51
N SER A 73 8.04 -6.60 17.23
CA SER A 73 7.69 -5.53 16.34
C SER A 73 6.37 -4.89 16.76
N TYR A 74 6.25 -3.60 16.49
CA TYR A 74 4.99 -2.92 16.66
C TYR A 74 3.96 -3.49 15.72
N GLU A 75 4.35 -4.01 14.55
CA GLU A 75 3.37 -4.71 13.71
C GLU A 75 2.67 -5.83 14.50
N ARG A 76 3.45 -6.66 15.21
CA ARG A 76 2.87 -7.71 16.06
C ARG A 76 2.13 -7.17 17.30
N ARG A 77 2.65 -6.14 17.95
CA ARG A 77 1.96 -5.65 19.15
C ARG A 77 0.54 -5.15 18.80
N PHE A 78 0.50 -4.36 17.73
CA PHE A 78 -0.75 -3.90 17.21
C PHE A 78 -1.65 -5.08 16.83
N ALA A 79 -1.15 -6.03 16.05
CA ALA A 79 -1.94 -7.22 15.66
C ALA A 79 -2.53 -7.91 16.88
N ARG A 80 -1.70 -8.09 17.91
CA ARG A 80 -2.20 -8.71 19.12
C ARG A 80 -3.34 -7.92 19.77
N ALA A 81 -3.05 -6.65 20.06
CA ALA A 81 -4.04 -5.73 20.59
C ALA A 81 -5.29 -5.63 19.74
N PHE A 82 -5.21 -5.54 18.42
CA PHE A 82 -6.44 -5.35 17.63
C PHE A 82 -7.29 -6.61 17.58
N ALA A 83 -6.59 -7.73 17.56
CA ALA A 83 -7.24 -9.03 17.64
C ALA A 83 -7.96 -9.16 18.97
N ALA A 84 -7.28 -8.86 20.07
CA ALA A 84 -7.90 -8.98 21.38
C ALA A 84 -9.12 -8.09 21.44
N TYR A 85 -8.94 -6.83 21.02
CA TYR A 85 -10.03 -5.90 21.02
C TYR A 85 -11.29 -6.37 20.28
N ASN A 86 -11.11 -7.03 19.15
CA ASN A 86 -12.21 -7.61 18.40
C ASN A 86 -12.62 -9.02 18.79
N GLY A 87 -11.94 -9.55 19.79
CA GLY A 87 -12.33 -10.79 20.38
C GLY A 87 -12.12 -11.94 19.44
N VAL A 88 -11.02 -11.88 18.65
CA VAL A 88 -10.62 -12.97 17.73
C VAL A 88 -9.16 -13.26 17.99
N PRO A 89 -8.65 -14.43 17.54
CA PRO A 89 -7.25 -14.77 17.76
C PRO A 89 -6.27 -14.23 16.71
N HIS A 90 -6.73 -13.90 15.50
CA HIS A 90 -5.79 -13.47 14.48
C HIS A 90 -6.07 -12.10 13.84
N CYS A 91 -4.98 -11.34 13.67
CA CYS A 91 -5.00 -10.10 12.93
C CYS A 91 -3.74 -9.99 12.09
N VAL A 92 -3.91 -9.54 10.85
CA VAL A 92 -2.78 -9.18 9.96
C VAL A 92 -2.92 -7.72 9.59
N PRO A 93 -2.07 -6.86 10.14
CA PRO A 93 -2.10 -5.46 9.75
C PRO A 93 -1.67 -5.31 8.35
N ALA A 94 -2.05 -4.18 7.76
CA ALA A 94 -1.88 -3.95 6.35
C ALA A 94 -1.91 -2.49 6.00
N ALA A 95 -1.48 -2.23 4.78
CA ALA A 95 -1.09 -0.92 4.34
C ALA A 95 -2.26 0.06 4.23
N SER A 96 -3.42 -0.50 3.87
CA SER A 96 -4.66 0.25 3.61
C SER A 96 -5.86 -0.69 3.72
N GLY A 97 -7.06 -0.10 3.85
CA GLY A 97 -8.32 -0.83 3.75
C GLY A 97 -8.51 -1.43 2.38
N THR A 98 -8.07 -0.77 1.32
CA THR A 98 -8.00 -1.31 -0.06
C THR A 98 -7.16 -2.61 -0.08
N ALA A 99 -6.02 -2.56 0.60
CA ALA A 99 -5.18 -3.75 0.62
C ALA A 99 -5.87 -4.85 1.40
N SER A 100 -6.49 -4.46 2.51
CA SER A 100 -7.16 -5.41 3.40
C SER A 100 -8.26 -6.15 2.64
N LEU A 101 -9.08 -5.41 1.90
CA LEU A 101 -10.09 -6.05 1.05
C LEU A 101 -9.49 -7.08 0.12
N MET A 102 -8.47 -6.65 -0.62
CA MET A 102 -7.84 -7.50 -1.63
C MET A 102 -7.16 -8.71 -1.03
N LEU A 103 -6.45 -8.53 0.07
CA LEU A 103 -5.88 -9.68 0.78
C LEU A 103 -6.95 -10.65 1.24
N ALA A 104 -8.02 -10.16 1.84
CA ALA A 104 -9.10 -11.02 2.31
C ALA A 104 -9.70 -11.73 1.12
N LEU A 105 -9.88 -11.02 0.01
CA LEU A 105 -10.47 -11.61 -1.18
C LEU A 105 -9.64 -12.76 -1.66
N GLU A 106 -8.32 -12.56 -1.73
CA GLU A 106 -7.51 -13.54 -2.42
C GLU A 106 -7.30 -14.72 -1.50
N ALA A 107 -7.21 -14.47 -0.20
CA ALA A 107 -7.20 -15.52 0.83
C ALA A 107 -8.50 -16.37 0.87
N CYS A 108 -9.63 -15.91 0.33
CA CYS A 108 -10.84 -16.73 0.17
C CYS A 108 -10.74 -17.57 -1.07
N GLY A 109 -9.64 -17.43 -1.79
CA GLY A 109 -9.48 -18.09 -3.07
C GLY A 109 -10.16 -17.36 -4.22
N ILE A 110 -10.54 -16.09 -4.07
CA ILE A 110 -11.23 -15.38 -5.16
C ILE A 110 -10.25 -14.97 -6.28
N GLY A 111 -10.60 -15.29 -7.51
CA GLY A 111 -9.70 -15.05 -8.64
C GLY A 111 -10.43 -14.68 -9.92
N ALA A 112 -9.84 -14.96 -11.05
CA ALA A 112 -10.29 -14.33 -12.27
C ALA A 112 -11.64 -14.94 -12.68
N GLY A 113 -12.64 -14.10 -12.92
CA GLY A 113 -13.98 -14.56 -13.37
C GLY A 113 -14.98 -14.85 -12.25
N ASP A 114 -14.53 -15.07 -11.03
CA ASP A 114 -15.43 -15.23 -9.91
C ASP A 114 -16.31 -14.00 -9.68
N GLU A 115 -17.58 -14.24 -9.38
CA GLU A 115 -18.50 -13.18 -8.95
C GLU A 115 -18.35 -12.93 -7.44
N VAL A 116 -18.22 -11.65 -7.08
CA VAL A 116 -18.30 -11.21 -5.69
C VAL A 116 -19.49 -10.25 -5.53
N ILE A 117 -20.47 -10.59 -4.68
CA ILE A 117 -21.61 -9.74 -4.33
C ILE A 117 -21.14 -8.61 -3.42
N VAL A 118 -21.50 -7.36 -3.76
CA VAL A 118 -21.15 -6.16 -2.97
C VAL A 118 -22.34 -5.19 -2.97
N PRO A 119 -22.46 -4.37 -1.96
CA PRO A 119 -23.43 -3.30 -2.05
C PRO A 119 -23.06 -2.26 -3.11
N GLY A 120 -24.09 -1.75 -3.75
CA GLY A 120 -23.97 -0.69 -4.72
C GLY A 120 -23.59 0.62 -4.05
N LEU A 121 -23.97 0.81 -2.79
CA LEU A 121 -23.69 2.06 -2.14
C LEU A 121 -22.56 1.89 -1.12
N SER A 122 -21.42 2.45 -1.54
CA SER A 122 -20.18 2.47 -0.75
C SER A 122 -19.20 3.40 -1.49
N TRP A 123 -18.11 3.71 -0.81
CA TRP A 123 -16.94 4.25 -1.49
C TRP A 123 -16.43 3.35 -2.65
N VAL A 124 -15.96 3.99 -3.71
CA VAL A 124 -15.62 3.32 -4.97
C VAL A 124 -14.70 2.09 -4.86
N ALA A 125 -13.82 2.14 -3.88
CA ALA A 125 -12.96 1.03 -3.54
C ALA A 125 -13.66 -0.30 -3.32
N SER A 126 -14.92 -0.28 -2.91
CA SER A 126 -15.68 -1.50 -2.74
C SER A 126 -15.87 -2.21 -4.08
N GLY A 127 -15.97 -1.46 -5.18
CA GLY A 127 -16.02 -2.08 -6.53
C GLY A 127 -14.64 -2.34 -7.14
N SER A 128 -13.73 -1.39 -7.02
CA SER A 128 -12.40 -1.50 -7.65
C SER A 128 -11.57 -2.60 -7.04
N THR A 129 -11.71 -2.89 -5.74
CA THR A 129 -10.96 -3.97 -5.15
C THR A 129 -11.30 -5.32 -5.76
N ILE A 130 -12.58 -5.55 -5.98
CA ILE A 130 -13.05 -6.80 -6.63
C ILE A 130 -12.47 -6.96 -8.04
N LEU A 131 -12.53 -5.86 -8.79
CA LEU A 131 -11.88 -5.73 -10.09
C LEU A 131 -10.38 -6.02 -10.04
N GLY A 132 -9.72 -5.53 -9.01
CA GLY A 132 -8.29 -5.65 -8.89
C GLY A 132 -7.76 -7.05 -8.70
N VAL A 133 -8.58 -8.01 -8.30
CA VAL A 133 -8.14 -9.39 -8.20
C VAL A 133 -8.81 -10.16 -9.33
N ASN A 134 -9.23 -9.43 -10.38
CA ASN A 134 -9.89 -9.94 -11.57
C ASN A 134 -11.25 -10.57 -11.37
N ALA A 135 -11.94 -10.24 -10.28
CA ALA A 135 -13.24 -10.84 -10.06
C ALA A 135 -14.26 -9.87 -10.61
N VAL A 136 -15.51 -10.32 -10.67
CA VAL A 136 -16.59 -9.54 -11.23
C VAL A 136 -17.49 -9.05 -10.11
N PRO A 137 -17.49 -7.74 -9.80
CA PRO A 137 -18.42 -7.28 -8.78
C PRO A 137 -19.88 -7.31 -9.25
N ILE A 138 -20.73 -7.80 -8.35
CA ILE A 138 -22.14 -7.92 -8.58
C ILE A 138 -22.79 -6.98 -7.55
N PHE A 139 -23.01 -5.77 -8.01
CA PHE A 139 -23.52 -4.72 -7.18
C PHE A 139 -24.97 -5.06 -6.84
N CYS A 140 -25.31 -5.07 -5.55
CA CYS A 140 -26.66 -5.35 -5.04
C CYS A 140 -27.20 -4.13 -4.33
N ASP A 141 -28.52 -4.00 -4.36
CA ASP A 141 -29.19 -2.84 -3.81
C ASP A 141 -29.16 -2.97 -2.32
N VAL A 142 -29.47 -1.86 -1.65
CA VAL A 142 -29.40 -1.73 -0.20
C VAL A 142 -30.79 -1.50 0.39
N ASP A 143 -30.88 -1.64 1.72
CA ASP A 143 -32.08 -1.41 2.50
C ASP A 143 -32.28 0.10 2.53
N PRO A 144 -33.54 0.57 2.45
CA PRO A 144 -33.81 2.01 2.39
C PRO A 144 -33.60 2.76 3.68
N ASP A 145 -33.62 2.08 4.81
CA ASP A 145 -33.44 2.75 6.10
C ASP A 145 -32.02 2.67 6.64
N THR A 146 -31.40 1.48 6.60
CA THR A 146 -30.04 1.25 7.04
C THR A 146 -28.96 1.48 5.94
N LEU A 147 -29.34 1.39 4.67
CA LEU A 147 -28.46 1.54 3.51
C LEU A 147 -27.35 0.49 3.43
N CYS A 148 -27.61 -0.64 4.09
CA CYS A 148 -26.69 -1.75 4.10
C CYS A 148 -27.25 -2.77 3.17
N LEU A 149 -26.39 -3.64 2.70
CA LEU A 149 -26.75 -4.66 1.73
C LEU A 149 -28.05 -5.39 2.03
N SER A 150 -28.98 -5.38 1.09
CA SER A 150 -30.30 -6.00 1.28
C SER A 150 -30.11 -7.51 1.16
N PRO A 151 -30.50 -8.27 2.19
CA PRO A 151 -30.44 -9.71 2.10
C PRO A 151 -31.30 -10.21 0.96
N GLU A 152 -32.46 -9.60 0.72
CA GLU A 152 -33.32 -10.16 -0.33
C GLU A 152 -32.55 -9.96 -1.62
N ALA A 153 -31.97 -8.78 -1.80
CA ALA A 153 -31.16 -8.50 -3.00
C ALA A 153 -30.02 -9.49 -3.22
N VAL A 154 -29.40 -9.93 -2.12
CA VAL A 154 -28.30 -10.91 -2.17
C VAL A 154 -28.77 -12.23 -2.72
N GLU A 155 -29.75 -12.87 -2.09
CA GLU A 155 -30.30 -14.14 -2.63
C GLU A 155 -30.60 -14.09 -4.10
N ALA A 156 -31.23 -13.01 -4.54
CA ALA A 156 -31.63 -12.87 -5.94
C ALA A 156 -30.42 -12.79 -6.89
N ALA A 157 -29.29 -12.30 -6.39
CA ALA A 157 -28.12 -12.08 -7.21
C ALA A 157 -27.14 -13.25 -7.16
N ILE A 158 -27.39 -14.25 -6.32
CA ILE A 158 -26.46 -15.38 -6.29
C ILE A 158 -26.60 -16.12 -7.61
N THR A 159 -25.49 -16.45 -8.26
CA THR A 159 -25.49 -17.27 -9.48
C THR A 159 -24.58 -18.43 -9.12
N GLU A 160 -24.37 -19.34 -10.09
CA GLU A 160 -23.41 -20.45 -9.92
C GLU A 160 -21.94 -19.97 -9.89
N HIS A 161 -21.68 -18.73 -10.34
CA HIS A 161 -20.33 -18.17 -10.33
C HIS A 161 -20.01 -17.39 -9.05
N THR A 162 -20.99 -17.18 -8.20
CA THR A 162 -20.77 -16.38 -7.01
C THR A 162 -19.76 -17.06 -6.09
N ARG A 163 -18.74 -16.36 -5.63
CA ARG A 163 -17.78 -16.98 -4.71
C ARG A 163 -17.52 -16.24 -3.42
N ALA A 164 -18.09 -15.05 -3.27
CA ALA A 164 -18.02 -14.34 -2.03
C ALA A 164 -19.05 -13.26 -1.93
N ILE A 165 -19.33 -12.89 -0.68
CA ILE A 165 -20.18 -11.76 -0.34
C ILE A 165 -19.36 -10.80 0.46
N VAL A 166 -19.33 -9.53 0.05
CA VAL A 166 -18.73 -8.46 0.84
C VAL A 166 -19.85 -7.59 1.38
N VAL A 167 -19.88 -7.37 2.68
CA VAL A 167 -20.90 -6.51 3.26
C VAL A 167 -20.21 -5.33 3.88
N VAL A 168 -20.73 -4.11 3.60
CA VAL A 168 -20.24 -2.91 4.24
C VAL A 168 -21.23 -2.47 5.30
N HIS A 169 -20.68 -2.27 6.51
CA HIS A 169 -21.36 -1.58 7.58
C HIS A 169 -21.19 -0.10 7.34
N LEU A 170 -22.12 0.44 6.55
CA LEU A 170 -22.03 1.78 5.99
C LEU A 170 -22.36 2.94 6.94
N TYR A 171 -21.51 3.95 6.92
CA TYR A 171 -21.64 5.22 7.65
C TYR A 171 -21.74 5.12 9.18
N SER A 172 -22.94 4.84 9.70
CA SER A 172 -23.12 4.55 11.12
C SER A 172 -23.94 3.29 11.42
N ALA A 173 -24.37 2.54 10.41
CA ALA A 173 -25.21 1.37 10.54
C ALA A 173 -24.39 0.05 10.41
N LEU A 174 -24.91 -0.99 11.07
CA LEU A 174 -24.59 -2.38 10.76
C LEU A 174 -25.67 -3.00 9.90
N ALA A 175 -25.22 -3.88 9.03
CA ALA A 175 -26.04 -4.71 8.15
C ALA A 175 -26.68 -5.86 8.93
N ASP A 176 -27.59 -6.53 8.25
CA ASP A 176 -28.42 -7.55 8.89
C ASP A 176 -27.64 -8.85 8.91
N MET A 177 -26.78 -8.97 9.91
CA MET A 177 -25.82 -10.07 9.91
C MET A 177 -26.42 -11.46 10.10
N ASP A 178 -27.49 -11.56 10.89
CA ASP A 178 -28.25 -12.82 11.04
C ASP A 178 -28.75 -13.26 9.69
N ALA A 179 -29.29 -12.35 8.87
CA ALA A 179 -29.78 -12.79 7.54
C ALA A 179 -28.68 -13.11 6.54
N LEU A 180 -27.59 -12.35 6.65
CA LEU A 180 -26.51 -12.47 5.68
C LEU A 180 -25.70 -13.71 5.95
N SER A 181 -25.34 -13.93 7.22
CA SER A 181 -24.73 -15.18 7.69
C SER A 181 -25.55 -16.41 7.36
N ALA A 182 -26.86 -16.29 7.54
CA ALA A 182 -27.76 -17.34 7.08
C ALA A 182 -27.61 -17.68 5.59
N ILE A 183 -27.65 -16.68 4.72
CA ILE A 183 -27.46 -16.91 3.26
C ILE A 183 -26.06 -17.43 2.96
N ALA A 184 -25.02 -16.87 3.60
CA ALA A 184 -23.65 -17.35 3.35
C ALA A 184 -23.46 -18.83 3.75
N GLU A 185 -23.89 -19.17 4.96
CA GLU A 185 -23.88 -20.57 5.43
C GLU A 185 -24.65 -21.57 4.57
N ARG A 186 -25.88 -21.24 4.21
CA ARG A 186 -26.66 -22.06 3.28
C ARG A 186 -25.90 -22.30 2.00
N HIS A 187 -25.46 -21.23 1.36
CA HIS A 187 -24.79 -21.44 0.10
C HIS A 187 -23.33 -21.90 0.12
N GLY A 188 -22.71 -22.09 1.28
CA GLY A 188 -21.28 -22.32 1.30
C GLY A 188 -20.38 -21.21 0.74
N LEU A 189 -20.76 -19.96 0.99
CA LEU A 189 -20.01 -18.79 0.57
C LEU A 189 -19.32 -18.06 1.73
N PRO A 190 -18.07 -17.61 1.52
CA PRO A 190 -17.46 -16.75 2.52
C PRO A 190 -18.13 -15.40 2.54
N LEU A 191 -18.12 -14.78 3.70
CA LEU A 191 -18.81 -13.53 3.89
C LEU A 191 -17.75 -12.68 4.58
N ILE A 192 -17.34 -11.59 3.93
CA ILE A 192 -16.32 -10.69 4.39
C ILE A 192 -17.02 -9.45 4.89
N GLU A 193 -16.64 -9.01 6.08
CA GLU A 193 -17.18 -7.78 6.62
C GLU A 193 -16.22 -6.64 6.44
N ASP A 194 -16.66 -5.61 5.72
CA ASP A 194 -15.85 -4.43 5.48
C ASP A 194 -16.30 -3.46 6.53
N CYS A 195 -15.41 -3.29 7.50
CA CYS A 195 -15.65 -2.57 8.72
C CYS A 195 -14.89 -1.27 8.72
N ALA A 196 -14.52 -0.77 7.53
CA ALA A 196 -13.83 0.51 7.41
C ALA A 196 -14.55 1.70 8.05
N GLN A 197 -15.88 1.58 8.15
CA GLN A 197 -16.75 2.63 8.66
C GLN A 197 -17.43 2.28 9.98
N ALA A 198 -16.90 1.25 10.66
CA ALA A 198 -17.58 0.64 11.79
C ALA A 198 -16.73 0.19 12.98
N HIS A 199 -15.45 0.54 13.02
CA HIS A 199 -14.49 0.01 14.01
C HIS A 199 -15.10 0.03 15.42
N GLY A 200 -15.15 -1.12 16.10
CA GLY A 200 -15.57 -1.11 17.51
C GLY A 200 -17.07 -1.30 17.65
N ALA A 201 -17.82 -1.33 16.56
CA ALA A 201 -19.27 -1.51 16.62
C ALA A 201 -19.53 -2.97 16.95
N THR A 202 -20.74 -3.25 17.42
CA THR A 202 -21.03 -4.62 17.83
C THR A 202 -22.44 -5.00 17.42
N TYR A 203 -22.54 -6.22 16.90
CA TYR A 203 -23.82 -6.87 16.58
C TYR A 203 -23.99 -8.13 17.46
N ARG A 204 -25.04 -8.16 18.29
CA ARG A 204 -25.24 -9.20 19.34
C ARG A 204 -24.04 -9.26 20.24
N GLY A 205 -23.40 -8.13 20.48
CA GLY A 205 -22.28 -8.05 21.38
C GLY A 205 -21.01 -8.54 20.73
N VAL A 206 -21.03 -9.08 19.52
CA VAL A 206 -19.78 -9.49 18.90
C VAL A 206 -19.27 -8.32 18.06
N LYS A 207 -17.97 -8.06 18.18
CA LYS A 207 -17.33 -6.97 17.46
C LYS A 207 -17.37 -7.26 15.99
N VAL A 208 -17.63 -6.18 15.29
CA VAL A 208 -17.93 -6.25 13.87
C VAL A 208 -16.61 -6.62 13.20
N GLY A 209 -16.70 -7.52 12.22
CA GLY A 209 -15.55 -8.21 11.64
C GLY A 209 -15.16 -9.55 12.27
N ALA A 210 -15.72 -9.84 13.45
CA ALA A 210 -15.56 -11.17 14.08
C ALA A 210 -16.79 -12.06 13.84
N LEU A 211 -17.68 -11.77 12.90
CA LEU A 211 -18.93 -12.51 12.83
C LEU A 211 -18.96 -13.41 11.62
N ALA A 212 -17.98 -13.38 10.74
CA ALA A 212 -18.10 -14.20 9.52
C ALA A 212 -16.72 -14.64 9.11
N THR A 213 -16.39 -14.70 7.82
CA THR A 213 -15.15 -15.30 7.40
C THR A 213 -13.98 -14.46 7.85
N ALA A 214 -14.07 -13.15 7.68
CA ALA A 214 -12.93 -12.27 7.93
C ALA A 214 -13.40 -10.82 7.92
N GLY A 215 -12.68 -10.02 8.68
CA GLY A 215 -13.02 -8.62 8.81
C GLY A 215 -11.92 -7.77 8.24
N THR A 216 -12.29 -6.64 7.68
CA THR A 216 -11.43 -5.82 6.85
C THR A 216 -11.61 -4.39 7.32
N PHE A 217 -10.51 -3.67 7.50
CA PHE A 217 -10.48 -2.30 8.05
C PHE A 217 -9.59 -1.29 7.30
N SER A 218 -10.08 -0.06 7.12
CA SER A 218 -9.27 1.11 6.79
C SER A 218 -8.84 1.86 8.06
N MET A 219 -7.58 2.30 8.08
CA MET A 219 -7.14 3.32 9.05
C MET A 219 -6.72 4.62 8.37
N GLN A 220 -7.19 4.85 7.15
CA GLN A 220 -7.02 6.13 6.48
C GLN A 220 -7.45 7.28 7.35
N HIS A 221 -6.87 8.45 7.13
CA HIS A 221 -7.26 9.71 7.81
C HIS A 221 -8.68 9.89 8.39
N SER A 222 -9.69 9.71 7.56
CA SER A 222 -11.04 10.10 8.00
C SER A 222 -11.73 9.10 8.97
N LYS A 223 -11.11 7.93 9.12
CA LYS A 223 -11.70 6.81 9.81
C LYS A 223 -11.56 7.04 11.29
N VAL A 224 -12.45 6.41 12.06
CA VAL A 224 -12.46 6.60 13.53
C VAL A 224 -11.19 6.13 14.25
N LEU A 225 -10.59 5.09 13.69
CA LEU A 225 -9.24 4.64 14.12
C LEU A 225 -8.33 4.89 12.96
N THR A 226 -7.28 5.68 13.18
CA THR A 226 -6.42 6.10 12.06
C THR A 226 -4.94 6.30 12.35
N SER A 227 -4.17 6.02 11.31
CA SER A 227 -2.72 6.29 11.26
C SER A 227 -2.37 7.01 9.96
N GLY A 228 -3.30 7.81 9.46
CA GLY A 228 -3.14 8.52 8.20
C GLY A 228 -3.44 7.57 7.05
N GLU A 229 -2.68 6.47 7.04
CA GLU A 229 -2.99 5.35 6.14
C GLU A 229 -2.82 4.11 6.94
N GLY A 230 -3.65 3.12 6.69
CA GLY A 230 -3.43 1.79 7.25
C GLY A 230 -4.62 0.87 7.06
N GLY A 231 -4.48 -0.33 7.62
CA GLY A 231 -5.54 -1.33 7.55
C GLY A 231 -5.26 -2.57 8.39
N ALA A 232 -6.23 -3.48 8.41
CA ALA A 232 -6.00 -4.77 9.00
C ALA A 232 -7.01 -5.79 8.49
N VAL A 233 -6.61 -7.06 8.49
CA VAL A 233 -7.51 -8.16 8.31
C VAL A 233 -7.58 -8.87 9.64
N ILE A 234 -8.80 -9.19 10.10
CA ILE A 234 -9.03 -10.04 11.26
C ILE A 234 -9.81 -11.30 10.87
N THR A 235 -9.50 -12.36 11.62
CA THR A 235 -10.12 -13.69 11.47
C THR A 235 -9.95 -14.63 12.66
N ARG A 236 -10.86 -15.59 12.71
CA ARG A 236 -10.79 -16.66 13.70
C ARG A 236 -10.06 -17.83 13.07
N ASP A 237 -9.88 -17.84 11.76
CA ASP A 237 -9.25 -18.97 11.07
C ASP A 237 -7.70 -18.78 10.92
N GLU A 238 -6.91 -19.64 11.57
CA GLU A 238 -5.44 -19.60 11.48
C GLU A 238 -4.84 -19.70 10.07
N ASP A 239 -5.30 -20.65 9.30
CA ASP A 239 -4.90 -20.86 7.92
C ASP A 239 -5.26 -19.65 7.05
N PHE A 240 -6.39 -19.04 7.33
CA PHE A 240 -6.79 -17.83 6.60
C PHE A 240 -5.78 -16.69 6.83
N ALA A 241 -5.50 -16.38 8.10
CA ALA A 241 -4.51 -15.35 8.44
C ALA A 241 -3.13 -15.69 7.88
N ARG A 242 -2.76 -16.96 7.91
CA ARG A 242 -1.51 -17.40 7.28
C ARG A 242 -1.46 -17.15 5.77
N ARG A 243 -2.56 -17.40 5.07
CA ARG A 243 -2.62 -17.06 3.68
C ARG A 243 -2.51 -15.53 3.53
N VAL A 244 -3.25 -14.80 4.37
CA VAL A 244 -3.24 -13.33 4.32
C VAL A 244 -1.80 -12.87 4.50
N GLU A 245 -1.10 -13.50 5.44
CA GLU A 245 0.29 -13.11 5.73
C GLU A 245 1.22 -13.23 4.55
N HIS A 246 1.08 -14.34 3.85
CA HIS A 246 1.79 -14.55 2.60
C HIS A 246 1.46 -13.51 1.54
N LEU A 247 0.17 -13.22 1.43
CA LEU A 247 -0.31 -12.27 0.45
C LEU A 247 0.18 -10.85 0.71
N ARG A 248 0.51 -10.48 1.95
CA ARG A 248 0.98 -9.12 2.24
C ARG A 248 2.49 -8.99 2.40
N ALA A 249 3.24 -10.09 2.41
CA ALA A 249 4.71 -10.05 2.50
C ALA A 249 5.40 -10.86 1.43
N ASP A 250 5.00 -10.70 0.17
CA ASP A 250 5.67 -11.35 -0.95
C ASP A 250 5.98 -12.83 -0.75
N GLY A 251 4.98 -13.56 -0.30
CA GLY A 251 5.06 -15.01 -0.11
C GLY A 251 5.81 -15.48 1.15
N ARG A 252 5.93 -14.60 2.13
CA ARG A 252 6.65 -14.85 3.36
C ARG A 252 5.68 -14.71 4.53
N CYS A 253 6.01 -15.35 5.64
CA CYS A 253 5.17 -15.23 6.85
C CYS A 253 6.08 -15.30 8.05
N LEU A 254 5.61 -14.75 9.14
CA LEU A 254 6.45 -14.70 10.31
C LEU A 254 6.71 -16.11 10.87
N SER A 255 7.94 -16.34 11.31
CA SER A 255 8.27 -17.59 12.01
C SER A 255 7.39 -17.74 13.26
N ALA A 256 7.11 -19.01 13.58
CA ALA A 256 6.44 -19.35 14.81
C ALA A 256 7.19 -18.76 15.97
N VAL A 257 8.49 -19.00 16.00
CA VAL A 257 9.39 -18.55 17.09
C VAL A 257 10.33 -17.50 16.53
N PRO A 258 10.63 -16.44 17.29
CA PRO A 258 11.57 -15.45 16.76
C PRO A 258 12.91 -16.05 16.44
N PRO A 259 13.60 -15.55 15.41
CA PRO A 259 14.94 -16.05 15.16
C PRO A 259 15.98 -15.31 16.02
N ALA A 260 17.26 -15.48 15.71
CA ALA A 260 18.30 -14.75 16.43
C ALA A 260 18.31 -13.32 15.92
N PRO A 261 18.75 -12.36 16.76
CA PRO A 261 18.96 -11.01 16.23
C PRO A 261 19.76 -10.95 14.93
N GLY A 262 19.35 -10.11 13.99
CA GLY A 262 20.05 -9.96 12.70
C GLY A 262 19.48 -10.91 11.63
N ALA A 263 18.66 -11.87 12.03
CA ALA A 263 18.02 -12.71 11.03
C ALA A 263 16.59 -12.23 10.67
N MET A 264 16.21 -12.49 9.44
CA MET A 264 14.86 -12.20 8.97
C MET A 264 13.81 -13.00 9.75
N GLU A 265 12.77 -12.29 10.18
CA GLU A 265 11.67 -12.88 10.92
C GLU A 265 10.66 -13.38 9.91
N LEU A 266 10.55 -12.69 8.78
CA LEU A 266 9.78 -13.25 7.68
C LEU A 266 10.62 -14.27 6.92
N VAL A 267 10.04 -15.44 6.77
CA VAL A 267 10.71 -16.60 6.26
C VAL A 267 10.13 -16.80 4.88
N GLU A 268 10.96 -17.24 3.93
CA GLU A 268 10.44 -17.52 2.60
C GLU A 268 9.82 -18.93 2.50
N THR A 269 8.62 -19.03 3.08
CA THR A 269 7.92 -20.32 3.07
C THR A 269 7.40 -20.60 1.65
N GLY A 270 6.87 -19.55 1.00
CA GLY A 270 6.41 -19.70 -0.38
C GLY A 270 5.17 -20.56 -0.55
N GLU A 271 4.43 -20.87 0.51
CA GLU A 271 3.18 -21.58 0.39
C GLU A 271 2.28 -20.94 -0.69
N LEU A 272 2.35 -19.63 -0.82
CA LEU A 272 1.48 -18.91 -1.73
C LEU A 272 2.21 -17.61 -2.08
N MET A 273 2.28 -17.28 -3.36
CA MET A 273 2.73 -15.99 -3.87
C MET A 273 2.02 -14.83 -3.21
N GLY A 274 2.73 -13.71 -3.02
CA GLY A 274 2.13 -12.50 -2.51
C GLY A 274 2.63 -11.26 -3.21
N ASN A 275 2.31 -10.14 -2.55
CA ASN A 275 2.88 -8.85 -2.86
C ASN A 275 3.17 -8.17 -1.56
N ASN A 276 3.78 -7.00 -1.62
CA ASN A 276 4.00 -6.22 -0.40
C ASN A 276 2.82 -5.27 -0.09
N ARG A 277 2.06 -5.58 0.96
CA ARG A 277 1.00 -4.77 1.54
C ARG A 277 1.30 -4.55 2.99
N CYS A 278 2.58 -4.52 3.36
CA CYS A 278 2.94 -4.32 4.75
C CYS A 278 2.64 -2.93 5.31
N LEU A 279 2.34 -2.92 6.59
CA LEU A 279 2.23 -1.72 7.40
C LEU A 279 3.56 -1.41 8.08
N SER A 280 4.02 -0.16 8.00
CA SER A 280 5.22 0.27 8.62
C SER A 280 5.13 0.22 10.15
N GLU A 281 6.31 0.11 10.76
CA GLU A 281 6.39 0.22 12.23
C GLU A 281 5.81 1.50 12.83
N PHE A 282 5.99 2.59 12.11
CA PHE A 282 5.48 3.89 12.56
C PHE A 282 3.95 3.90 12.69
N GLN A 283 3.31 3.43 11.63
CA GLN A 283 1.86 3.35 11.61
C GLN A 283 1.30 2.32 12.61
N ALA A 284 1.99 1.20 12.77
CA ALA A 284 1.56 0.19 13.71
C ALA A 284 1.65 0.74 15.11
N ALA A 285 2.75 1.41 15.44
CA ALA A 285 2.88 2.04 16.76
C ALA A 285 1.82 3.09 16.99
N ILE A 286 1.47 3.80 15.92
CA ILE A 286 0.46 4.83 16.06
C ILE A 286 -0.90 4.19 16.36
N LEU A 287 -1.26 3.16 15.58
CA LEU A 287 -2.55 2.54 15.81
C LEU A 287 -2.78 1.89 17.18
N ALA A 288 -1.69 1.38 17.73
CA ALA A 288 -1.78 0.73 19.01
C ALA A 288 -2.18 1.78 20.03
N GLU A 289 -1.64 2.99 19.89
CA GLU A 289 -1.90 4.07 20.84
C GLU A 289 -3.31 4.62 20.62
N GLN A 290 -3.70 4.76 19.33
CA GLN A 290 -5.01 5.31 18.99
C GLN A 290 -6.08 4.34 19.45
N LEU A 291 -5.78 3.05 19.50
CA LEU A 291 -6.78 2.06 19.87
C LEU A 291 -7.22 2.24 21.32
N THR A 292 -6.34 2.81 22.14
CA THR A 292 -6.62 2.88 23.57
C THR A 292 -7.59 3.99 23.88
N ILE A 293 -7.92 4.87 22.94
CA ILE A 293 -8.92 5.90 23.17
C ILE A 293 -10.14 5.73 22.25
N LEU A 294 -10.23 4.62 21.56
CA LEU A 294 -11.21 4.39 20.50
C LEU A 294 -12.62 4.38 21.07
N ASP A 295 -12.85 3.57 22.09
CA ASP A 295 -14.19 3.40 22.70
C ASP A 295 -14.69 4.67 23.37
N GLU A 296 -13.78 5.36 24.05
CA GLU A 296 -14.14 6.62 24.67
C GLU A 296 -14.63 7.60 23.58
N GLN A 297 -13.88 7.68 22.48
CA GLN A 297 -14.27 8.51 21.37
C GLN A 297 -15.61 8.08 20.77
N ASN A 298 -15.82 6.78 20.61
CA ASN A 298 -17.07 6.29 20.04
C ASN A 298 -18.23 6.57 20.97
N GLU A 299 -17.99 6.57 22.28
CA GLU A 299 -19.04 6.93 23.21
C GLU A 299 -19.52 8.40 23.08
N THR A 300 -18.57 9.31 22.90
CA THR A 300 -18.82 10.73 22.68
C THR A 300 -19.68 10.93 21.46
N ARG A 301 -19.25 10.36 20.34
CA ARG A 301 -20.07 10.39 19.11
C ARG A 301 -21.52 9.87 19.24
N ARG A 302 -21.62 8.71 19.87
CA ARG A 302 -22.83 7.96 20.05
C ARG A 302 -23.90 8.80 20.77
N ALA A 303 -23.47 9.44 21.84
CA ALA A 303 -24.33 10.27 22.68
C ALA A 303 -24.80 11.53 21.96
N ASN A 304 -23.88 12.24 21.33
CA ASN A 304 -24.19 13.36 20.47
C ASN A 304 -25.14 12.93 19.37
N ALA A 305 -24.90 11.77 18.75
CA ALA A 305 -25.79 11.35 17.67
C ALA A 305 -27.20 11.04 18.14
N ALA A 306 -27.31 10.49 19.35
CA ALA A 306 -28.64 10.23 19.92
C ALA A 306 -29.39 11.54 20.06
N HIS A 307 -28.68 12.56 20.51
CA HIS A 307 -29.26 13.88 20.62
C HIS A 307 -29.73 14.43 19.28
N LEU A 308 -28.88 14.34 18.27
CA LEU A 308 -29.22 14.80 16.90
C LEU A 308 -30.38 14.09 16.21
N ASP A 309 -30.46 12.78 16.40
CA ASP A 309 -31.51 12.03 15.77
C ASP A 309 -32.82 12.66 16.22
N GLY A 310 -32.90 13.02 17.52
CA GLY A 310 -34.14 13.62 18.02
C GLY A 310 -34.46 14.95 17.36
N LEU A 311 -33.46 15.82 17.35
CA LEU A 311 -33.66 17.16 16.79
C LEU A 311 -34.03 17.14 15.33
N LEU A 312 -33.44 16.18 14.63
CA LEU A 312 -33.67 16.10 13.21
C LEU A 312 -34.96 15.41 12.88
N GLY A 313 -35.32 14.39 13.65
CA GLY A 313 -36.65 13.82 13.61
C GLY A 313 -37.78 14.86 13.77
N GLU A 314 -37.69 15.71 14.79
CA GLU A 314 -38.63 16.86 14.94
C GLU A 314 -38.78 17.68 13.64
N LEU A 315 -37.78 17.72 12.77
CA LEU A 315 -37.88 18.42 11.51
C LEU A 315 -38.40 17.63 10.32
N GLY A 316 -38.78 16.37 10.58
CA GLY A 316 -39.18 15.44 9.51
C GLY A 316 -38.05 14.78 8.71
N LEU A 317 -36.80 14.91 9.16
CA LEU A 317 -35.67 14.26 8.50
C LEU A 317 -35.64 12.84 8.97
N ARG A 318 -35.08 11.91 8.20
CA ARG A 318 -35.00 10.51 8.64
C ARG A 318 -33.54 10.09 8.77
N PRO A 319 -33.00 10.06 9.99
CA PRO A 319 -31.62 9.59 10.06
C PRO A 319 -31.51 8.10 9.69
N GLN A 320 -30.36 7.71 9.14
CA GLN A 320 -30.02 6.31 8.99
C GLN A 320 -30.24 5.49 10.25
N THR A 321 -30.89 4.34 10.06
CA THR A 321 -31.04 3.39 11.15
C THR A 321 -30.07 2.24 11.04
N THR A 322 -30.13 1.34 12.01
CA THR A 322 -29.26 0.17 12.07
C THR A 322 -30.10 -1.05 12.07
N SER A 323 -29.50 -2.17 11.75
CA SER A 323 -30.23 -3.40 11.64
C SER A 323 -30.53 -3.93 13.05
N ASP A 324 -31.67 -4.60 13.14
CA ASP A 324 -32.04 -5.36 14.32
C ASP A 324 -30.91 -6.32 14.71
N GLY A 325 -30.57 -6.35 15.99
CA GLY A 325 -29.41 -7.13 16.40
C GLY A 325 -28.17 -6.35 16.72
N THR A 326 -28.06 -5.15 16.12
CA THR A 326 -27.00 -4.22 16.43
C THR A 326 -27.04 -3.96 17.93
N THR A 327 -25.94 -4.04 18.63
CA THR A 327 -25.92 -3.63 20.02
C THR A 327 -25.14 -2.34 20.27
N SER A 328 -24.15 -2.03 19.44
CA SER A 328 -23.55 -0.69 19.50
C SER A 328 -23.07 -0.23 18.13
N ARG A 329 -23.29 1.06 17.87
CA ARG A 329 -23.02 1.67 16.59
C ARG A 329 -21.75 2.50 16.63
N THR A 330 -20.97 2.46 15.55
CA THR A 330 -19.84 3.39 15.42
C THR A 330 -20.25 4.43 14.33
N TYR A 331 -20.21 5.70 14.71
CA TYR A 331 -20.56 6.82 13.82
C TYR A 331 -19.29 7.31 13.10
N TYR A 332 -18.85 6.64 12.03
CA TYR A 332 -17.87 7.20 11.07
C TYR A 332 -18.45 8.42 10.39
N THR A 333 -19.72 8.36 10.03
CA THR A 333 -20.43 9.44 9.32
C THR A 333 -21.90 9.44 9.71
N TYR A 334 -22.47 10.64 9.90
CA TYR A 334 -23.87 10.78 10.21
C TYR A 334 -24.56 11.01 8.88
N ALA A 335 -25.51 10.14 8.57
CA ALA A 335 -26.25 10.18 7.34
C ALA A 335 -27.75 10.35 7.67
N VAL A 336 -28.38 11.27 6.95
CA VAL A 336 -29.77 11.65 7.19
C VAL A 336 -30.45 11.99 5.87
N ARG A 337 -31.63 11.40 5.66
CA ARG A 337 -32.40 11.65 4.46
C ARG A 337 -33.35 12.82 4.66
N LEU A 338 -33.52 13.58 3.59
CA LEU A 338 -34.30 14.77 3.61
C LEU A 338 -35.74 14.33 3.65
N PRO A 339 -36.63 15.18 4.19
CA PRO A 339 -38.03 14.80 4.33
C PRO A 339 -38.68 14.76 2.96
N ASP A 340 -39.48 13.72 2.73
CA ASP A 340 -40.32 13.65 1.52
C ASP A 340 -41.17 14.92 1.34
N GLY A 341 -41.23 15.46 0.13
CA GLY A 341 -41.99 16.67 -0.15
C GLY A 341 -41.32 17.94 0.33
N VAL A 342 -40.02 17.91 0.62
CA VAL A 342 -39.32 19.13 0.95
C VAL A 342 -38.11 19.23 -0.01
N LEU A 343 -37.92 20.39 -0.63
CA LEU A 343 -36.82 20.63 -1.53
C LEU A 343 -36.66 19.53 -2.58
N GLU A 344 -37.75 18.92 -3.03
CA GLU A 344 -37.65 17.73 -3.88
C GLU A 344 -37.21 18.06 -5.29
N ASP A 345 -37.29 19.32 -5.69
CA ASP A 345 -36.81 19.75 -7.00
C ASP A 345 -35.37 20.33 -6.94
N VAL A 346 -34.76 20.44 -5.76
CA VAL A 346 -33.44 21.05 -5.63
C VAL A 346 -32.43 19.90 -5.63
N PRO A 347 -31.42 19.93 -6.52
CA PRO A 347 -30.35 18.94 -6.46
C PRO A 347 -29.66 18.92 -5.11
N VAL A 348 -29.35 17.72 -4.67
CA VAL A 348 -28.76 17.51 -3.35
C VAL A 348 -27.46 18.28 -3.13
N THR A 349 -26.70 18.48 -4.19
CA THR A 349 -25.44 19.21 -4.10
C THR A 349 -25.71 20.65 -3.70
N ASP A 350 -26.84 21.17 -4.17
CA ASP A 350 -27.20 22.52 -3.77
C ASP A 350 -27.60 22.56 -2.30
N VAL A 351 -28.46 21.63 -1.94
CA VAL A 351 -28.90 21.53 -0.55
C VAL A 351 -27.64 21.38 0.33
N SER A 352 -26.76 20.46 -0.03
CA SER A 352 -25.59 20.17 0.79
C SER A 352 -24.61 21.34 0.84
N CYS A 353 -24.43 21.99 -0.30
CA CYS A 353 -23.73 23.28 -0.33
C CYS A 353 -24.35 24.35 0.62
N ALA A 354 -25.66 24.58 0.56
CA ALA A 354 -26.28 25.56 1.45
C ALA A 354 -26.11 25.22 2.91
N LEU A 355 -26.10 23.91 3.24
CA LEU A 355 -25.92 23.46 4.63
C LEU A 355 -24.49 23.72 5.09
N THR A 356 -23.57 23.38 4.20
CA THR A 356 -22.17 23.59 4.44
C THR A 356 -21.95 25.04 4.80
N ALA A 357 -22.55 25.96 4.03
CA ALA A 357 -22.36 27.39 4.25
C ALA A 357 -22.91 27.84 5.57
N GLU A 358 -24.08 27.34 5.98
CA GLU A 358 -24.62 27.74 7.29
C GLU A 358 -23.78 27.24 8.45
N LEU A 359 -23.23 26.05 8.29
CA LEU A 359 -22.74 25.29 9.43
C LEU A 359 -21.26 25.51 9.77
N GLY A 360 -20.48 25.88 8.75
CA GLY A 360 -19.04 25.94 8.82
C GLY A 360 -18.35 24.58 8.77
N PHE A 361 -19.02 23.56 8.25
CA PHE A 361 -18.46 22.20 8.30
C PHE A 361 -19.03 21.49 7.12
N PRO A 362 -18.26 20.66 6.42
CA PRO A 362 -18.86 20.07 5.23
C PRO A 362 -20.07 19.19 5.50
N VAL A 363 -21.08 19.34 4.68
CA VAL A 363 -22.23 18.46 4.71
C VAL A 363 -22.31 18.06 3.26
N LEU A 364 -22.13 16.76 3.01
CA LEU A 364 -21.91 16.29 1.65
C LEU A 364 -23.00 15.34 1.28
N PRO A 365 -23.31 15.22 -0.02
CA PRO A 365 -24.26 14.21 -0.44
C PRO A 365 -23.76 12.80 -0.10
N SER A 366 -24.66 11.82 -0.05
CA SER A 366 -24.31 10.41 -0.01
C SER A 366 -23.42 10.05 -1.23
N TYR A 367 -22.60 9.00 -1.10
CA TYR A 367 -21.85 8.52 -2.26
C TYR A 367 -22.84 8.27 -3.38
N ALA A 368 -22.40 8.51 -4.62
CA ALA A 368 -23.13 7.98 -5.78
C ALA A 368 -23.17 6.45 -5.75
N PRO A 369 -24.19 5.83 -6.34
CA PRO A 369 -24.11 4.41 -6.52
C PRO A 369 -22.85 4.06 -7.31
N ILE A 370 -22.12 3.01 -6.92
CA ILE A 370 -20.80 2.73 -7.54
C ILE A 370 -20.81 2.60 -9.09
N PRO A 371 -21.69 1.76 -9.63
CA PRO A 371 -21.74 1.69 -11.08
C PRO A 371 -22.11 2.98 -11.79
N ALA A 372 -22.64 3.97 -11.11
CA ALA A 372 -22.85 5.30 -11.65
C ALA A 372 -21.84 6.35 -11.15
N ASN A 373 -20.73 5.95 -10.58
CA ASN A 373 -19.77 6.90 -10.01
C ASN A 373 -18.76 7.24 -11.10
N ARG A 374 -18.43 8.51 -11.27
CA ARG A 374 -17.50 8.90 -12.31
C ARG A 374 -16.10 8.32 -12.07
N LEU A 375 -15.80 7.95 -10.83
CA LEU A 375 -14.55 7.28 -10.44
C LEU A 375 -14.52 5.81 -10.82
N TYR A 376 -15.67 5.26 -11.21
CA TYR A 376 -15.70 3.86 -11.54
C TYR A 376 -15.79 3.71 -13.06
N THR A 377 -14.64 3.54 -13.69
CA THR A 377 -14.58 3.54 -15.16
C THR A 377 -13.70 2.42 -15.68
N PRO A 378 -14.13 1.17 -15.49
CA PRO A 378 -13.28 0.04 -15.79
C PRO A 378 -12.91 -0.11 -17.26
N HIS A 379 -13.71 0.47 -18.16
CA HIS A 379 -13.33 0.38 -19.58
C HIS A 379 -12.15 1.31 -19.82
N THR A 380 -11.94 2.38 -19.07
CA THR A 380 -10.72 3.22 -19.24
C THR A 380 -9.40 2.54 -18.83
N ARG A 381 -9.39 1.27 -18.44
CA ARG A 381 -8.17 0.82 -17.81
C ARG A 381 -7.82 -0.52 -18.40
N ARG A 382 -6.64 -0.57 -19.01
CA ARG A 382 -6.30 -1.64 -19.92
C ARG A 382 -6.00 -2.94 -19.19
N ARG A 383 -5.68 -2.81 -17.92
CA ARG A 383 -5.55 -3.91 -17.00
C ARG A 383 -6.80 -4.83 -17.03
N TYR A 384 -7.97 -4.23 -17.23
CA TYR A 384 -9.20 -4.99 -17.13
C TYR A 384 -9.69 -5.41 -18.51
N THR A 385 -9.01 -5.02 -19.57
CA THR A 385 -9.40 -5.46 -20.92
C THR A 385 -9.08 -6.95 -21.12
N LEU A 386 -9.98 -7.82 -20.66
CA LEU A 386 -9.79 -9.27 -20.72
C LEU A 386 -10.70 -9.94 -21.74
N GLY A 387 -11.12 -9.26 -22.79
CA GLY A 387 -11.89 -9.92 -23.87
C GLY A 387 -13.33 -9.64 -23.61
N LEU A 388 -14.16 -9.86 -24.62
CA LEU A 388 -15.52 -9.36 -24.63
C LEU A 388 -16.47 -9.79 -23.51
N ASP A 389 -16.44 -11.09 -23.17
CA ASP A 389 -17.30 -11.67 -22.15
C ASP A 389 -17.08 -10.95 -20.83
N HIS A 390 -15.81 -10.90 -20.42
CA HIS A 390 -15.46 -10.18 -19.22
C HIS A 390 -15.80 -8.71 -19.38
N GLU A 391 -15.60 -8.09 -20.53
CA GLU A 391 -15.98 -6.69 -20.64
C GLU A 391 -17.49 -6.51 -20.47
N ARG A 392 -18.32 -7.41 -20.98
CA ARG A 392 -19.76 -7.35 -20.70
C ARG A 392 -20.10 -7.49 -19.24
N ARG A 393 -19.42 -8.37 -18.59
CA ARG A 393 -19.69 -8.65 -17.21
C ARG A 393 -19.37 -7.48 -16.31
N ILE A 394 -18.36 -6.72 -16.62
CA ILE A 394 -17.93 -5.66 -15.74
C ILE A 394 -18.40 -4.28 -16.18
N ASP A 395 -19.11 -4.25 -17.30
CA ASP A 395 -19.72 -3.00 -17.76
C ASP A 395 -20.68 -2.51 -16.69
N PRO A 396 -20.46 -1.31 -16.10
CA PRO A 396 -21.38 -0.85 -15.07
C PRO A 396 -22.80 -0.50 -15.51
N LYS A 397 -23.06 -0.38 -16.80
CA LYS A 397 -24.43 -0.18 -17.28
C LYS A 397 -25.41 -1.28 -16.96
N ARG A 398 -24.91 -2.48 -16.69
CA ARG A 398 -25.82 -3.54 -16.31
C ARG A 398 -26.48 -3.37 -14.94
N PHE A 399 -26.21 -2.35 -14.15
CA PHE A 399 -26.66 -2.37 -12.75
C PHE A 399 -27.54 -1.21 -12.44
N ALA A 400 -28.78 -1.50 -12.09
CA ALA A 400 -29.73 -0.49 -11.66
C ALA A 400 -30.06 -0.85 -10.21
N LEU A 401 -29.98 0.20 -9.41
CA LEU A 401 -29.95 0.10 -7.97
C LEU A 401 -30.89 1.16 -7.42
N PRO A 402 -32.20 0.91 -7.51
CA PRO A 402 -33.19 1.98 -7.17
C PRO A 402 -32.94 2.63 -5.84
N VAL A 403 -32.70 1.80 -4.82
CA VAL A 403 -32.59 2.38 -3.50
C VAL A 403 -31.31 3.21 -3.38
N CYS A 404 -30.22 2.75 -3.98
CA CYS A 404 -28.95 3.47 -3.88
C CYS A 404 -29.08 4.85 -4.52
N GLU A 405 -29.72 4.88 -5.68
CA GLU A 405 -29.91 6.09 -6.48
C GLU A 405 -30.78 7.07 -5.73
N ASP A 406 -31.83 6.55 -5.11
CA ASP A 406 -32.70 7.44 -4.34
C ASP A 406 -31.91 8.02 -3.18
N ALA A 407 -31.18 7.14 -2.50
CA ALA A 407 -30.43 7.57 -1.34
C ALA A 407 -29.41 8.62 -1.77
N ALA A 408 -28.80 8.41 -2.92
CA ALA A 408 -27.86 9.38 -3.45
C ALA A 408 -28.51 10.71 -3.78
N ARG A 409 -29.76 10.74 -4.24
CA ARG A 409 -30.49 12.00 -4.47
C ARG A 409 -30.91 12.68 -3.17
N ARG A 410 -31.11 11.92 -2.11
CA ARG A 410 -31.83 12.48 -0.99
C ARG A 410 -31.09 12.56 0.32
N THR A 411 -29.89 12.02 0.42
CA THR A 411 -29.31 11.77 1.70
C THR A 411 -28.06 12.61 1.74
N VAL A 412 -27.88 13.33 2.83
CA VAL A 412 -26.65 14.09 3.06
C VAL A 412 -25.96 13.48 4.26
N THR A 413 -24.71 13.84 4.47
CA THR A 413 -23.87 13.15 5.44
C THR A 413 -22.96 14.13 6.10
N LEU A 414 -22.59 13.89 7.34
CA LEU A 414 -21.53 14.66 7.95
C LEU A 414 -20.51 13.70 8.50
N HIS A 415 -19.23 13.99 8.25
CA HIS A 415 -18.11 13.35 8.93
C HIS A 415 -18.20 13.48 10.47
N HIS A 416 -17.68 12.47 11.17
CA HIS A 416 -17.83 12.32 12.59
C HIS A 416 -17.12 13.30 13.51
N ALA A 417 -16.19 14.08 12.96
CA ALA A 417 -15.58 15.17 13.76
C ALA A 417 -16.65 16.11 14.35
N ALA A 418 -17.70 16.30 13.58
CA ALA A 418 -18.92 16.99 13.95
C ALA A 418 -19.67 16.40 15.14
N LEU A 419 -19.38 15.13 15.46
CA LEU A 419 -20.04 14.47 16.57
C LEU A 419 -19.10 14.44 17.75
N LEU A 420 -17.92 15.05 17.65
CA LEU A 420 -17.01 14.98 18.78
C LEU A 420 -17.05 16.16 19.77
N GLY A 421 -17.90 17.14 19.56
CA GLY A 421 -18.00 18.27 20.44
C GLY A 421 -19.05 18.12 21.53
N ASP A 422 -19.73 19.25 21.80
CA ASP A 422 -20.76 19.45 22.80
C ASP A 422 -22.13 19.09 22.27
N ALA A 423 -22.99 18.75 23.23
CA ALA A 423 -24.38 18.66 22.89
C ALA A 423 -24.91 19.88 22.11
N ASP A 424 -24.47 21.09 22.48
CA ASP A 424 -24.87 22.36 21.81
C ASP A 424 -24.57 22.40 20.30
N ASP A 425 -23.45 21.80 19.91
CA ASP A 425 -23.13 21.61 18.52
C ASP A 425 -24.26 20.95 17.75
N MET A 426 -24.94 20.01 18.41
CA MET A 426 -26.02 19.30 17.74
C MET A 426 -27.14 20.29 17.45
N GLY A 427 -27.39 21.20 18.39
CA GLY A 427 -28.36 22.30 18.14
C GLY A 427 -28.04 23.08 16.90
N ASP A 428 -26.79 23.49 16.74
CA ASP A 428 -26.38 24.17 15.51
C ASP A 428 -26.69 23.34 14.27
N ILE A 429 -26.45 22.03 14.34
CA ILE A 429 -26.63 21.21 13.16
C ILE A 429 -28.11 21.28 12.83
N ALA A 430 -28.94 21.17 13.86
CA ALA A 430 -30.38 21.17 13.63
C ALA A 430 -30.85 22.55 13.11
N ALA A 431 -30.34 23.62 13.73
CA ALA A 431 -30.64 24.97 13.26
C ALA A 431 -30.35 25.16 11.77
N ALA A 432 -29.21 24.67 11.29
CA ALA A 432 -28.85 24.77 9.86
C ALA A 432 -29.86 24.05 8.97
N PHE A 433 -30.23 22.85 9.42
CA PHE A 433 -31.16 22.08 8.66
C PHE A 433 -32.50 22.81 8.60
N ALA A 434 -32.93 23.40 9.72
CA ALA A 434 -34.24 24.09 9.76
C ALA A 434 -34.26 25.34 8.81
N LYS A 435 -33.19 26.14 8.94
CA LYS A 435 -32.96 27.27 8.07
C LYS A 435 -33.11 26.85 6.63
N VAL A 436 -32.46 25.78 6.22
CA VAL A 436 -32.37 25.44 4.80
C VAL A 436 -33.67 24.84 4.30
N LEU A 437 -34.39 24.15 5.18
CA LEU A 437 -35.75 23.71 4.86
C LEU A 437 -36.72 24.85 4.52
N ARG A 438 -36.49 26.09 4.96
CA ARG A 438 -36.98 27.32 4.24
C ARG A 438 -35.87 28.36 3.84
N GLN B 25 38.16 -24.78 12.97
CA GLN B 25 38.45 -23.34 13.32
C GLN B 25 37.27 -22.39 13.02
N LEU B 26 36.46 -22.72 12.01
CA LEU B 26 35.24 -21.96 11.67
C LEU B 26 34.23 -21.85 12.83
N ALA B 27 33.71 -20.64 13.03
CA ALA B 27 32.72 -20.40 14.08
C ALA B 27 31.57 -21.36 13.85
N VAL B 28 31.10 -21.43 12.61
CA VAL B 28 29.96 -22.30 12.28
C VAL B 28 30.27 -23.76 12.64
N LYS B 29 31.52 -24.21 12.49
CA LYS B 29 31.87 -25.61 12.73
C LYS B 29 32.47 -25.78 14.13
N GLY B 30 31.85 -25.10 15.11
CA GLY B 30 32.20 -25.19 16.53
C GLY B 30 33.12 -24.11 17.07
N GLY B 31 33.93 -23.53 16.19
CA GLY B 31 35.06 -22.70 16.57
C GLY B 31 34.70 -21.34 17.13
N GLU B 32 35.73 -20.51 17.22
CA GLU B 32 35.68 -19.15 17.71
C GLU B 32 35.37 -18.22 16.53
N ALA B 33 34.37 -17.37 16.65
CA ALA B 33 34.07 -16.37 15.61
C ALA B 33 35.17 -15.31 15.61
N LEU B 34 35.28 -14.55 14.51
CA LEU B 34 36.28 -13.48 14.38
C LEU B 34 35.79 -12.22 15.03
N ARG B 35 34.50 -11.91 14.84
CA ARG B 35 33.91 -10.69 15.37
C ARG B 35 32.57 -11.01 16.05
N THR B 36 32.35 -10.46 17.23
CA THR B 36 31.01 -10.45 17.83
C THR B 36 30.47 -9.06 18.08
N ARG B 37 31.33 -8.06 18.06
CA ARG B 37 30.90 -6.68 18.24
C ARG B 37 29.78 -6.29 17.28
N PRO B 38 28.87 -5.39 17.72
CA PRO B 38 27.73 -5.06 16.88
C PRO B 38 28.11 -4.15 15.73
N TRP B 39 27.21 -4.11 14.76
CA TRP B 39 27.43 -3.35 13.54
C TRP B 39 26.58 -2.08 13.59
N PRO B 40 26.77 -1.14 12.63
CA PRO B 40 25.94 0.08 12.63
C PRO B 40 24.45 -0.20 12.57
N ALA B 41 23.69 0.47 13.43
CA ALA B 41 22.20 0.40 13.39
C ALA B 41 21.68 0.99 12.08
N TRP B 42 20.55 0.46 11.65
CA TRP B 42 19.89 0.96 10.48
C TRP B 42 18.39 0.77 10.75
N PRO B 43 17.52 1.73 10.45
CA PRO B 43 17.89 3.02 9.88
C PRO B 43 18.39 4.01 10.90
N GLN B 44 19.09 5.04 10.44
CA GLN B 44 19.61 6.14 11.26
C GLN B 44 18.63 7.29 11.14
N PRO B 45 17.88 7.60 12.22
CA PRO B 45 16.93 8.69 12.14
C PRO B 45 17.59 10.07 11.99
N ALA B 46 17.06 10.89 11.09
CA ALA B 46 17.48 12.27 10.98
C ALA B 46 16.97 13.09 12.16
N PRO B 47 17.77 14.07 12.60
CA PRO B 47 17.39 14.87 13.76
C PRO B 47 16.09 15.67 13.65
N GLY B 48 15.66 16.06 12.47
CA GLY B 48 14.38 16.75 12.39
C GLY B 48 13.14 15.87 12.48
N VAL B 49 13.24 14.55 12.63
CA VAL B 49 12.04 13.75 12.53
C VAL B 49 11.02 13.93 13.66
N PRO B 50 11.49 13.87 14.91
CA PRO B 50 10.47 14.02 15.95
C PRO B 50 9.64 15.30 15.76
N ASP B 51 10.24 16.41 15.36
CA ASP B 51 9.49 17.65 15.27
C ASP B 51 8.55 17.62 14.10
N ALA B 52 9.08 17.16 12.99
CA ALA B 52 8.27 16.91 11.81
C ALA B 52 7.01 16.07 12.14
N VAL B 53 7.21 14.93 12.77
CA VAL B 53 6.11 14.08 13.16
C VAL B 53 5.15 14.76 14.13
N ALA B 54 5.66 15.47 15.12
CA ALA B 54 4.79 16.21 16.01
C ALA B 54 3.99 17.24 15.22
N ASP B 55 4.57 17.79 14.17
CA ASP B 55 3.81 18.73 13.38
C ASP B 55 2.66 18.04 12.69
N VAL B 56 2.86 16.80 12.24
CA VAL B 56 1.83 16.03 11.57
C VAL B 56 0.70 15.78 12.59
N LEU B 57 1.12 15.39 13.78
CA LEU B 57 0.23 14.96 14.81
C LEU B 57 -0.81 15.99 15.10
N GLY B 58 -0.42 17.26 15.14
CA GLY B 58 -1.34 18.35 15.43
C GLY B 58 -1.97 19.04 14.23
N SER B 59 -1.82 18.49 13.03
CA SER B 59 -2.12 19.20 11.77
C SER B 59 -3.57 19.07 11.34
N GLY B 60 -4.25 18.02 11.78
CA GLY B 60 -5.61 17.81 11.36
C GLY B 60 -5.69 17.23 9.98
N ARG B 61 -4.59 16.65 9.54
CA ARG B 61 -4.57 16.03 8.18
C ARG B 61 -3.39 15.08 8.13
N TRP B 62 -3.69 13.79 8.22
CA TRP B 62 -2.74 12.70 8.33
C TRP B 62 -2.53 11.97 7.03
N SER B 63 -3.33 12.32 6.04
CA SER B 63 -3.15 11.90 4.66
C SER B 63 -3.69 12.96 3.72
N ILE B 64 -3.17 12.87 2.52
CA ILE B 64 -3.59 13.72 1.44
C ILE B 64 -5.07 13.64 1.12
N SER B 65 -5.68 12.49 1.37
CA SER B 65 -7.12 12.25 1.17
C SER B 65 -7.99 12.86 2.27
N GLY B 66 -7.35 13.33 3.34
CA GLY B 66 -8.01 14.25 4.26
C GLY B 66 -8.18 15.64 3.65
N PRO B 67 -9.19 16.39 4.14
CA PRO B 67 -9.37 17.74 3.62
C PRO B 67 -8.17 18.67 3.86
N TYR B 68 -8.01 19.63 2.95
CA TYR B 68 -7.02 20.69 3.06
C TYR B 68 -7.19 21.52 4.34
N ARG B 69 -6.09 21.83 5.02
CA ARG B 69 -6.17 22.67 6.23
C ARG B 69 -5.33 23.93 6.15
N GLY B 70 -5.20 24.50 4.97
CA GLY B 70 -4.52 25.78 4.82
C GLY B 70 -3.00 25.72 4.74
N THR B 71 -2.39 24.54 4.66
CA THR B 71 -0.94 24.48 4.50
C THR B 71 -0.65 23.30 3.66
N GLU B 72 0.55 23.34 3.11
CA GLU B 72 1.03 22.29 2.26
C GLU B 72 1.16 20.98 3.00
N SER B 73 0.72 19.90 2.37
CA SER B 73 0.91 18.59 2.96
C SER B 73 2.37 18.16 2.85
N TYR B 74 2.77 17.31 3.80
CA TYR B 74 4.07 16.71 3.73
C TYR B 74 4.29 15.81 2.52
N GLU B 75 3.24 15.15 2.07
CA GLU B 75 3.28 14.56 0.75
C GLU B 75 3.72 15.50 -0.38
N ARG B 76 3.19 16.74 -0.44
CA ARG B 76 3.64 17.73 -1.42
C ARG B 76 5.07 18.20 -1.16
N ARG B 77 5.47 18.30 0.10
CA ARG B 77 6.79 18.82 0.43
C ARG B 77 7.87 17.85 0.08
N PHE B 78 7.60 16.59 0.36
CA PHE B 78 8.52 15.56 0.02
C PHE B 78 8.52 15.41 -1.48
N ALA B 79 7.33 15.46 -2.09
CA ALA B 79 7.29 15.23 -3.51
C ALA B 79 8.17 16.20 -4.25
N ARG B 80 8.05 17.45 -3.85
CA ARG B 80 8.78 18.53 -4.51
C ARG B 80 10.29 18.43 -4.24
N ALA B 81 10.65 18.09 -3.01
CA ALA B 81 12.01 17.79 -2.62
C ALA B 81 12.64 16.68 -3.45
N PHE B 82 11.93 15.56 -3.61
CA PHE B 82 12.50 14.40 -4.28
C PHE B 82 12.60 14.57 -5.79
N ALA B 83 11.63 15.28 -6.39
CA ALA B 83 11.68 15.72 -7.81
C ALA B 83 12.94 16.56 -8.04
N ALA B 84 13.08 17.62 -7.26
CA ALA B 84 14.26 18.48 -7.35
C ALA B 84 15.55 17.69 -7.07
N TYR B 85 15.54 16.82 -6.05
CA TYR B 85 16.71 15.99 -5.77
C TYR B 85 17.11 15.21 -6.99
N ASN B 86 16.15 14.71 -7.74
CA ASN B 86 16.46 13.97 -8.95
C ASN B 86 16.58 14.77 -10.23
N GLY B 87 16.52 16.11 -10.19
CA GLY B 87 16.55 16.85 -11.47
C GLY B 87 15.39 16.76 -12.45
N VAL B 88 14.20 16.63 -11.90
CA VAL B 88 13.04 16.35 -12.73
C VAL B 88 11.86 17.17 -12.17
N PRO B 89 10.86 17.53 -12.98
CA PRO B 89 9.78 18.36 -12.44
C PRO B 89 8.73 17.64 -11.62
N HIS B 90 8.52 16.35 -11.76
CA HIS B 90 7.38 15.74 -11.12
C HIS B 90 7.78 14.52 -10.29
N CYS B 91 7.10 14.39 -9.17
CA CYS B 91 7.23 13.25 -8.29
C CYS B 91 5.86 12.98 -7.69
N VAL B 92 5.37 11.76 -7.82
CA VAL B 92 4.21 11.34 -7.04
C VAL B 92 4.56 10.28 -6.02
N PRO B 93 4.58 10.64 -4.74
CA PRO B 93 4.83 9.61 -3.71
C PRO B 93 3.77 8.55 -3.62
N ALA B 94 4.17 7.40 -3.08
CA ALA B 94 3.32 6.24 -3.06
C ALA B 94 3.66 5.35 -1.88
N ALA B 95 2.84 4.31 -1.68
CA ALA B 95 2.90 3.50 -0.44
C ALA B 95 4.10 2.55 -0.32
N SER B 96 4.67 2.16 -1.46
CA SER B 96 5.78 1.21 -1.50
C SER B 96 6.43 1.18 -2.91
N GLY B 97 7.58 0.53 -2.99
CA GLY B 97 8.23 0.35 -4.28
C GLY B 97 7.38 -0.53 -5.15
N THR B 98 6.59 -1.45 -4.54
CA THR B 98 5.69 -2.32 -5.27
C THR B 98 4.59 -1.47 -5.91
N ALA B 99 3.98 -0.59 -5.13
CA ALA B 99 2.95 0.26 -5.71
C ALA B 99 3.56 1.11 -6.80
N SER B 100 4.75 1.62 -6.53
CA SER B 100 5.36 2.57 -7.46
C SER B 100 5.53 1.93 -8.83
N LEU B 101 5.98 0.67 -8.80
CA LEU B 101 6.12 0.00 -10.07
C LEU B 101 4.78 -0.12 -10.75
N MET B 102 3.74 -0.49 -10.01
CA MET B 102 2.49 -0.82 -10.68
C MET B 102 1.79 0.38 -11.24
N LEU B 103 1.87 1.47 -10.50
CA LEU B 103 1.54 2.81 -10.95
C LEU B 103 2.21 3.20 -12.26
N ALA B 104 3.53 3.05 -12.29
CA ALA B 104 4.28 3.43 -13.47
C ALA B 104 3.84 2.58 -14.67
N LEU B 105 3.63 1.29 -14.42
CA LEU B 105 3.23 0.41 -15.51
C LEU B 105 1.92 0.81 -16.10
N GLU B 106 0.95 1.13 -15.24
CA GLU B 106 -0.40 1.39 -15.75
C GLU B 106 -0.41 2.77 -16.40
N ALA B 107 0.32 3.72 -15.84
CA ALA B 107 0.51 5.01 -16.47
C ALA B 107 1.21 4.95 -17.85
N CYS B 108 1.94 3.89 -18.17
CA CYS B 108 2.43 3.69 -19.54
C CYS B 108 1.35 3.05 -20.34
N GLY B 109 0.17 2.78 -19.79
CA GLY B 109 -0.90 2.11 -20.57
C GLY B 109 -0.80 0.60 -20.61
N ILE B 110 0.13 0.02 -19.86
CA ILE B 110 0.23 -1.44 -19.78
C ILE B 110 -0.98 -2.10 -19.13
N GLY B 111 -1.49 -3.11 -19.83
CA GLY B 111 -2.65 -3.86 -19.41
C GLY B 111 -2.57 -5.32 -19.78
N ALA B 112 -3.76 -5.91 -19.84
CA ALA B 112 -3.87 -7.35 -19.89
C ALA B 112 -3.17 -7.94 -21.10
N GLY B 113 -2.29 -8.90 -20.90
CA GLY B 113 -1.63 -9.53 -22.03
C GLY B 113 -0.43 -8.82 -22.63
N ASP B 114 -0.08 -7.62 -22.18
CA ASP B 114 1.07 -6.92 -22.77
C ASP B 114 2.33 -7.56 -22.23
N GLU B 115 3.37 -7.67 -23.05
CA GLU B 115 4.67 -8.16 -22.50
C GLU B 115 5.51 -7.04 -21.95
N VAL B 116 6.16 -7.29 -20.83
CA VAL B 116 7.09 -6.32 -20.27
C VAL B 116 8.37 -7.05 -20.00
N ILE B 117 9.44 -6.54 -20.61
CA ILE B 117 10.80 -7.03 -20.46
C ILE B 117 11.37 -6.58 -19.11
N VAL B 118 11.97 -7.50 -18.36
CA VAL B 118 12.52 -7.25 -17.03
C VAL B 118 13.73 -8.12 -16.82
N PRO B 119 14.67 -7.68 -15.98
CA PRO B 119 15.81 -8.56 -15.70
C PRO B 119 15.43 -9.82 -14.89
N GLY B 120 16.12 -10.89 -15.20
CA GLY B 120 15.90 -12.12 -14.47
C GLY B 120 16.34 -12.05 -13.05
N LEU B 121 17.28 -11.16 -12.75
CA LEU B 121 17.92 -11.13 -11.43
C LEU B 121 17.56 -9.87 -10.70
N SER B 122 16.76 -10.04 -9.65
CA SER B 122 16.13 -8.99 -8.86
C SER B 122 15.19 -9.60 -7.79
N TRP B 123 14.83 -8.77 -6.85
CA TRP B 123 13.78 -9.09 -5.88
C TRP B 123 12.50 -9.48 -6.62
N VAL B 124 11.75 -10.40 -6.01
CA VAL B 124 10.64 -11.05 -6.70
C VAL B 124 9.55 -10.09 -7.22
N ALA B 125 9.41 -8.95 -6.50
CA ALA B 125 8.45 -7.94 -6.89
C ALA B 125 8.62 -7.44 -8.33
N SER B 126 9.83 -7.54 -8.92
CA SER B 126 10.08 -7.13 -10.26
C SER B 126 9.23 -7.95 -11.22
N GLY B 127 9.01 -9.22 -10.86
CA GLY B 127 8.12 -10.10 -11.63
C GLY B 127 6.64 -9.94 -11.29
N SER B 128 6.33 -10.00 -10.01
CA SER B 128 4.93 -10.02 -9.57
C SER B 128 4.21 -8.68 -9.80
N THR B 129 4.92 -7.58 -9.80
CA THR B 129 4.30 -6.33 -10.12
C THR B 129 3.74 -6.33 -11.55
N ILE B 130 4.46 -6.96 -12.47
CA ILE B 130 4.03 -7.02 -13.87
C ILE B 130 2.78 -7.90 -13.94
N LEU B 131 2.85 -9.03 -13.25
CA LEU B 131 1.77 -9.99 -13.22
C LEU B 131 0.49 -9.33 -12.70
N GLY B 132 0.67 -8.41 -11.76
CA GLY B 132 -0.45 -7.74 -11.08
C GLY B 132 -1.25 -6.73 -11.90
N VAL B 133 -0.63 -6.24 -12.96
CA VAL B 133 -1.41 -5.44 -13.89
C VAL B 133 -1.95 -6.27 -15.05
N ASN B 134 -1.86 -7.61 -14.96
CA ASN B 134 -2.27 -8.59 -16.00
C ASN B 134 -1.36 -8.69 -17.21
N ALA B 135 -0.11 -8.29 -17.02
CA ALA B 135 0.86 -8.31 -18.11
C ALA B 135 1.74 -9.56 -17.93
N VAL B 136 2.58 -9.80 -18.92
CA VAL B 136 3.35 -11.02 -19.04
C VAL B 136 4.80 -10.59 -18.88
N PRO B 137 5.43 -10.95 -17.75
CA PRO B 137 6.80 -10.51 -17.61
C PRO B 137 7.68 -11.36 -18.50
N ILE B 138 8.69 -10.73 -19.08
CA ILE B 138 9.64 -11.44 -19.91
C ILE B 138 11.00 -11.24 -19.33
N PHE B 139 11.42 -12.25 -18.54
CA PHE B 139 12.70 -12.20 -17.85
C PHE B 139 13.83 -12.32 -18.87
N CYS B 140 14.82 -11.45 -18.75
CA CYS B 140 15.96 -11.44 -19.64
C CYS B 140 17.22 -11.52 -18.83
N ASP B 141 18.24 -12.11 -19.47
CA ASP B 141 19.50 -12.34 -18.77
C ASP B 141 20.23 -10.99 -18.55
N VAL B 142 21.19 -11.03 -17.63
CA VAL B 142 21.96 -9.88 -17.21
C VAL B 142 23.43 -9.94 -17.62
N ASP B 143 24.13 -8.82 -17.42
CA ASP B 143 25.56 -8.69 -17.69
C ASP B 143 26.30 -9.44 -16.61
N PRO B 144 27.28 -10.27 -16.99
CA PRO B 144 27.92 -11.10 -15.97
C PRO B 144 28.64 -10.34 -14.89
N ASP B 145 29.05 -9.10 -15.14
CA ASP B 145 29.84 -8.33 -14.19
C ASP B 145 29.05 -7.25 -13.42
N THR B 146 28.20 -6.51 -14.13
CA THR B 146 27.32 -5.57 -13.47
C THR B 146 26.03 -6.19 -12.92
N LEU B 147 25.69 -7.39 -13.40
CA LEU B 147 24.45 -8.06 -13.03
C LEU B 147 23.20 -7.33 -13.44
N CYS B 148 23.32 -6.33 -14.30
CA CYS B 148 22.20 -5.49 -14.73
C CYS B 148 21.74 -6.01 -16.09
N LEU B 149 20.47 -5.74 -16.40
CA LEU B 149 19.83 -6.09 -17.68
C LEU B 149 20.70 -5.94 -18.92
N SER B 150 20.92 -7.04 -19.66
CA SER B 150 21.77 -7.07 -20.85
C SER B 150 21.08 -6.53 -22.09
N PRO B 151 21.69 -5.50 -22.72
CA PRO B 151 21.13 -5.00 -23.97
C PRO B 151 20.85 -6.05 -25.01
N GLU B 152 21.76 -7.01 -25.19
CA GLU B 152 21.55 -7.99 -26.24
C GLU B 152 20.35 -8.88 -25.88
N ALA B 153 20.25 -9.22 -24.61
CA ALA B 153 19.12 -10.03 -24.17
C ALA B 153 17.82 -9.32 -24.47
N VAL B 154 17.80 -8.03 -24.24
CA VAL B 154 16.59 -7.23 -24.39
C VAL B 154 16.16 -7.22 -25.84
N GLU B 155 17.10 -6.88 -26.72
CA GLU B 155 16.89 -6.88 -28.16
C GLU B 155 16.39 -8.22 -28.67
N ALA B 156 17.05 -9.31 -28.23
CA ALA B 156 16.64 -10.67 -28.56
C ALA B 156 15.24 -10.98 -28.09
N ALA B 157 14.82 -10.40 -26.97
CA ALA B 157 13.54 -10.75 -26.36
C ALA B 157 12.34 -9.93 -26.86
N ILE B 158 12.59 -8.96 -27.75
CA ILE B 158 11.52 -8.09 -28.21
C ILE B 158 10.58 -8.85 -29.18
N THR B 159 9.28 -8.57 -29.06
CA THR B 159 8.22 -9.10 -29.92
C THR B 159 7.23 -7.96 -30.22
N GLU B 160 6.31 -8.21 -31.14
CA GLU B 160 5.25 -7.26 -31.40
C GLU B 160 4.35 -7.05 -30.16
N HIS B 161 4.43 -7.91 -29.15
CA HIS B 161 3.62 -7.77 -27.95
C HIS B 161 4.33 -6.97 -26.88
N THR B 162 5.60 -6.62 -27.09
CA THR B 162 6.33 -5.93 -26.03
C THR B 162 5.78 -4.53 -25.95
N ARG B 163 5.41 -4.06 -24.75
CA ARG B 163 4.94 -2.69 -24.49
C ARG B 163 5.81 -1.93 -23.49
N ALA B 164 6.77 -2.57 -22.84
CA ALA B 164 7.71 -1.78 -22.02
C ALA B 164 8.93 -2.59 -21.64
N ILE B 165 9.91 -1.81 -21.19
CA ILE B 165 11.11 -2.38 -20.65
C ILE B 165 11.25 -1.80 -19.25
N VAL B 166 11.46 -2.70 -18.27
CA VAL B 166 11.79 -2.29 -16.92
C VAL B 166 13.22 -2.66 -16.63
N VAL B 167 14.02 -1.72 -16.16
CA VAL B 167 15.40 -2.03 -15.84
C VAL B 167 15.66 -1.76 -14.38
N VAL B 168 16.44 -2.64 -13.76
CA VAL B 168 16.86 -2.50 -12.38
C VAL B 168 18.36 -2.10 -12.27
N HIS B 169 18.62 -1.05 -11.51
CA HIS B 169 19.97 -0.75 -11.04
C HIS B 169 20.27 -1.57 -9.79
N LEU B 170 20.82 -2.76 -10.03
CA LEU B 170 20.87 -3.81 -9.04
C LEU B 170 22.02 -3.73 -8.05
N TYR B 171 21.65 -3.87 -6.78
CA TYR B 171 22.54 -3.89 -5.64
C TYR B 171 23.37 -2.60 -5.45
N SER B 172 24.41 -2.41 -6.25
CA SER B 172 25.28 -1.23 -6.23
C SER B 172 25.68 -0.72 -7.60
N ALA B 173 25.03 -1.24 -8.64
CA ALA B 173 25.45 -0.97 -10.00
C ALA B 173 24.29 -0.30 -10.72
N LEU B 174 24.66 0.40 -11.80
CA LEU B 174 23.74 1.03 -12.73
C LEU B 174 23.84 0.26 -14.05
N ALA B 175 22.73 0.20 -14.77
CA ALA B 175 22.64 -0.47 -16.04
C ALA B 175 23.26 0.40 -17.12
N ASP B 176 23.50 -0.16 -18.29
CA ASP B 176 23.99 0.59 -19.42
C ASP B 176 22.81 1.34 -20.01
N MET B 177 22.63 2.55 -19.53
CA MET B 177 21.38 3.26 -19.90
C MET B 177 21.34 3.80 -21.33
N ASP B 178 22.50 4.19 -21.86
CA ASP B 178 22.60 4.65 -23.24
C ASP B 178 22.23 3.50 -24.15
N ALA B 179 22.77 2.32 -23.87
CA ALA B 179 22.42 1.15 -24.67
C ALA B 179 20.95 0.81 -24.55
N LEU B 180 20.41 0.85 -23.31
CA LEU B 180 18.98 0.60 -23.08
C LEU B 180 18.02 1.63 -23.64
N SER B 181 18.35 2.90 -23.51
CA SER B 181 17.54 3.97 -24.12
C SER B 181 17.47 3.85 -25.62
N ALA B 182 18.61 3.50 -26.22
CA ALA B 182 18.69 3.38 -27.64
C ALA B 182 17.78 2.30 -28.21
N ILE B 183 17.77 1.15 -27.54
CA ILE B 183 16.82 0.08 -27.85
C ILE B 183 15.37 0.47 -27.60
N ALA B 184 15.12 1.08 -26.43
CA ALA B 184 13.81 1.67 -26.14
C ALA B 184 13.35 2.56 -27.31
N GLU B 185 14.19 3.52 -27.70
CA GLU B 185 13.76 4.49 -28.70
C GLU B 185 13.59 3.85 -30.05
N ARG B 186 14.51 3.01 -30.47
CA ARG B 186 14.33 2.30 -31.73
C ARG B 186 12.93 1.64 -31.83
N HIS B 187 12.50 1.02 -30.72
CA HIS B 187 11.29 0.19 -30.74
C HIS B 187 10.08 0.95 -30.23
N GLY B 188 10.27 2.20 -29.81
CA GLY B 188 9.13 3.00 -29.38
C GLY B 188 8.54 2.44 -28.11
N LEU B 189 9.40 2.04 -27.19
CA LEU B 189 9.03 1.36 -25.96
C LEU B 189 9.41 2.26 -24.83
N PRO B 190 8.45 2.46 -23.92
CA PRO B 190 8.82 3.18 -22.70
C PRO B 190 9.80 2.36 -21.85
N LEU B 191 10.65 3.05 -21.10
CA LEU B 191 11.76 2.43 -20.39
C LEU B 191 11.62 3.00 -18.97
N ILE B 192 11.31 2.12 -18.02
CA ILE B 192 11.14 2.48 -16.64
C ILE B 192 12.33 2.00 -15.84
N GLU B 193 12.85 2.90 -15.03
CA GLU B 193 13.99 2.58 -14.22
C GLU B 193 13.48 2.26 -12.84
N ASP B 194 13.72 1.04 -12.41
CA ASP B 194 13.48 0.71 -11.01
C ASP B 194 14.76 1.00 -10.30
N CYS B 195 14.69 2.02 -9.45
CA CYS B 195 15.82 2.61 -8.70
C CYS B 195 15.73 2.37 -7.21
N ALA B 196 14.99 1.33 -6.83
CA ALA B 196 14.82 0.90 -5.44
C ALA B 196 16.11 0.67 -4.71
N GLN B 197 17.13 0.30 -5.48
CA GLN B 197 18.39 0.00 -4.89
C GLN B 197 19.51 0.95 -5.30
N ALA B 198 19.15 2.20 -5.58
CA ALA B 198 20.10 3.15 -6.16
C ALA B 198 19.84 4.62 -5.96
N HIS B 199 19.19 4.95 -4.84
CA HIS B 199 18.69 6.30 -4.57
C HIS B 199 19.89 7.25 -4.66
N GLY B 200 19.82 8.24 -5.55
CA GLY B 200 20.86 9.26 -5.62
C GLY B 200 22.07 8.91 -6.50
N ALA B 201 22.17 7.68 -6.98
CA ALA B 201 23.19 7.40 -7.96
C ALA B 201 23.01 8.25 -9.22
N THR B 202 24.11 8.47 -9.96
CA THR B 202 24.14 9.30 -11.16
C THR B 202 24.88 8.62 -12.28
N TYR B 203 24.32 8.72 -13.48
CA TYR B 203 24.85 8.18 -14.70
C TYR B 203 25.08 9.36 -15.65
N ARG B 204 26.35 9.55 -16.01
CA ARG B 204 26.78 10.68 -16.80
C ARG B 204 26.30 11.99 -16.21
N GLY B 205 26.37 12.12 -14.88
CA GLY B 205 25.89 13.31 -14.20
C GLY B 205 24.42 13.39 -13.85
N VAL B 206 23.57 12.56 -14.46
CA VAL B 206 22.14 12.68 -14.27
C VAL B 206 21.62 11.65 -13.25
N LYS B 207 20.77 12.13 -12.33
CA LYS B 207 20.20 11.27 -11.28
C LYS B 207 19.44 10.09 -11.91
N VAL B 208 19.73 8.95 -11.35
CA VAL B 208 19.07 7.71 -11.74
C VAL B 208 17.56 7.90 -11.51
N GLY B 209 16.79 7.54 -12.56
CA GLY B 209 15.36 7.68 -12.59
C GLY B 209 14.87 8.90 -13.39
N ALA B 210 15.83 9.73 -13.80
CA ALA B 210 15.65 10.89 -14.64
C ALA B 210 16.13 10.61 -16.06
N LEU B 211 16.35 9.35 -16.43
CA LEU B 211 17.05 9.05 -17.69
C LEU B 211 16.13 8.53 -18.73
N ALA B 212 14.88 8.23 -18.39
CA ALA B 212 14.01 7.60 -19.35
C ALA B 212 12.58 8.00 -19.09
N THR B 213 11.62 7.09 -19.26
CA THR B 213 10.23 7.44 -19.12
C THR B 213 9.88 7.83 -17.66
N ALA B 214 10.32 7.03 -16.69
CA ALA B 214 9.88 7.20 -15.29
C ALA B 214 10.78 6.40 -14.37
N GLY B 215 10.92 6.92 -13.16
CA GLY B 215 11.76 6.29 -12.11
C GLY B 215 10.89 5.85 -10.95
N THR B 216 11.08 4.61 -10.47
CA THR B 216 10.33 4.07 -9.33
C THR B 216 11.31 3.76 -8.20
N PHE B 217 10.89 4.03 -6.96
CA PHE B 217 11.72 3.93 -5.77
C PHE B 217 10.95 3.19 -4.68
N SER B 218 11.65 2.38 -3.89
CA SER B 218 11.14 1.76 -2.67
C SER B 218 11.79 2.52 -1.53
N MET B 219 11.04 2.81 -0.47
CA MET B 219 11.60 3.36 0.77
C MET B 219 11.33 2.34 1.86
N GLN B 220 11.35 1.07 1.49
CA GLN B 220 11.20 0.02 2.50
C GLN B 220 12.40 0.07 3.45
N HIS B 221 12.20 -0.38 4.69
CA HIS B 221 13.19 -0.39 5.77
C HIS B 221 14.69 -0.41 5.38
N SER B 222 15.01 -1.37 4.53
CA SER B 222 16.39 -1.72 4.26
C SER B 222 17.00 -0.77 3.22
N LYS B 223 16.17 -0.04 2.50
CA LYS B 223 16.64 0.82 1.41
C LYS B 223 17.45 1.96 2.00
N VAL B 224 18.30 2.60 1.20
CA VAL B 224 19.13 3.68 1.71
C VAL B 224 18.34 4.91 2.16
N LEU B 225 17.21 5.14 1.48
CA LEU B 225 16.26 6.19 1.91
C LEU B 225 15.00 5.51 2.37
N THR B 226 14.64 5.68 3.62
CA THR B 226 13.56 4.85 4.11
C THR B 226 12.66 5.51 5.13
N SER B 227 11.41 5.04 5.12
CA SER B 227 10.41 5.39 6.10
C SER B 227 9.70 4.12 6.58
N GLY B 228 10.39 2.98 6.46
CA GLY B 228 9.89 1.69 6.86
C GLY B 228 9.14 1.09 5.69
N GLU B 229 8.16 1.86 5.25
CA GLU B 229 7.49 1.57 4.02
C GLU B 229 7.37 2.91 3.29
N GLY B 230 7.48 2.87 1.97
CA GLY B 230 7.28 4.06 1.18
C GLY B 230 7.74 3.83 -0.24
N GLY B 231 7.47 4.78 -1.12
CA GLY B 231 7.94 4.75 -2.49
C GLY B 231 7.68 6.07 -3.19
N ALA B 232 8.12 6.15 -4.45
CA ALA B 232 7.83 7.30 -5.32
C ALA B 232 7.88 6.93 -6.79
N VAL B 233 7.16 7.73 -7.57
CA VAL B 233 7.34 7.73 -9.00
C VAL B 233 7.80 9.13 -9.37
N ILE B 234 8.83 9.18 -10.20
CA ILE B 234 9.33 10.49 -10.71
C ILE B 234 9.34 10.44 -12.22
N THR B 235 9.06 11.58 -12.86
CA THR B 235 9.01 11.64 -14.32
C THR B 235 9.15 13.11 -14.72
N ARG B 236 9.53 13.32 -15.97
CA ARG B 236 9.54 14.69 -16.48
C ARG B 236 8.31 14.97 -17.36
N ASP B 237 7.47 13.97 -17.53
CA ASP B 237 6.26 14.15 -18.30
C ASP B 237 5.09 14.43 -17.35
N GLU B 238 4.56 15.65 -17.47
CA GLU B 238 3.48 16.10 -16.62
C GLU B 238 2.23 15.22 -16.75
N ASP B 239 1.81 14.93 -17.98
CA ASP B 239 0.69 14.00 -18.20
C ASP B 239 0.84 12.63 -17.54
N PHE B 240 2.05 12.09 -17.62
CA PHE B 240 2.35 10.84 -16.97
C PHE B 240 2.18 10.95 -15.47
N ALA B 241 2.71 12.00 -14.85
CA ALA B 241 2.53 12.23 -13.42
C ALA B 241 1.06 12.33 -12.99
N ARG B 242 0.29 13.15 -13.71
CA ARG B 242 -1.15 13.27 -13.57
C ARG B 242 -1.83 11.91 -13.64
N ARG B 243 -1.43 11.06 -14.56
CA ARG B 243 -1.99 9.71 -14.58
C ARG B 243 -1.61 8.87 -13.35
N VAL B 244 -0.33 8.95 -12.95
CA VAL B 244 0.12 8.30 -11.73
C VAL B 244 -0.75 8.82 -10.59
N GLU B 245 -1.00 10.11 -10.55
CA GLU B 245 -1.72 10.70 -9.42
C GLU B 245 -3.07 10.05 -9.26
N HIS B 246 -3.77 9.96 -10.39
CA HIS B 246 -5.10 9.36 -10.48
C HIS B 246 -5.08 7.94 -10.03
N LEU B 247 -4.09 7.23 -10.58
CA LEU B 247 -3.90 5.85 -10.24
C LEU B 247 -3.60 5.61 -8.75
N ARG B 248 -3.04 6.56 -7.99
CA ARG B 248 -2.79 6.31 -6.55
C ARG B 248 -3.86 6.79 -5.58
N ALA B 249 -4.88 7.50 -6.09
CA ALA B 249 -5.83 8.14 -5.21
C ALA B 249 -7.25 7.92 -5.74
N ASP B 250 -7.52 6.72 -6.24
CA ASP B 250 -8.86 6.26 -6.55
C ASP B 250 -9.57 7.11 -7.61
N GLY B 251 -8.82 7.44 -8.64
CA GLY B 251 -9.26 8.33 -9.73
C GLY B 251 -9.28 9.82 -9.44
N ARG B 252 -8.55 10.24 -8.40
CA ARG B 252 -8.50 11.65 -8.00
C ARG B 252 -7.10 12.24 -8.17
N CYS B 253 -7.05 13.58 -8.16
CA CYS B 253 -5.81 14.30 -8.38
C CYS B 253 -5.80 15.56 -7.53
N LEU B 254 -4.65 15.98 -7.01
CA LEU B 254 -4.64 17.20 -6.19
C LEU B 254 -4.99 18.40 -7.04
N SER B 255 -5.77 19.35 -6.53
CA SER B 255 -6.15 20.53 -7.30
C SER B 255 -4.90 21.35 -7.62
N ALA B 256 -4.93 21.96 -8.79
CA ALA B 256 -3.90 22.84 -9.29
C ALA B 256 -3.53 23.91 -8.26
N VAL B 257 -4.57 24.49 -7.66
CA VAL B 257 -4.41 25.47 -6.62
C VAL B 257 -5.25 24.94 -5.45
N PRO B 258 -4.79 25.17 -4.20
CA PRO B 258 -5.50 24.69 -3.03
C PRO B 258 -6.93 25.18 -2.99
N PRO B 259 -7.87 24.37 -2.44
CA PRO B 259 -9.22 24.85 -2.16
C PRO B 259 -9.29 25.64 -0.85
N ALA B 260 -10.49 26.01 -0.43
CA ALA B 260 -10.68 26.63 0.91
C ALA B 260 -10.38 25.62 2.02
N PRO B 261 -10.01 26.10 3.20
CA PRO B 261 -9.66 25.06 4.18
C PRO B 261 -10.92 24.28 4.51
N GLY B 262 -10.82 22.96 4.68
CA GLY B 262 -11.97 22.13 5.00
C GLY B 262 -12.57 21.42 3.81
N ALA B 263 -12.14 21.82 2.61
CA ALA B 263 -12.49 21.21 1.34
C ALA B 263 -11.44 20.16 0.91
N MET B 264 -11.88 19.20 0.11
CA MET B 264 -11.04 18.10 -0.38
C MET B 264 -10.10 18.72 -1.41
N GLU B 265 -8.83 18.37 -1.33
CA GLU B 265 -7.78 18.83 -2.23
C GLU B 265 -7.65 17.84 -3.38
N LEU B 266 -7.84 16.55 -3.08
CA LEU B 266 -8.01 15.55 -4.14
C LEU B 266 -9.35 15.79 -4.77
N VAL B 267 -9.39 15.89 -6.09
CA VAL B 267 -10.63 16.21 -6.78
C VAL B 267 -10.99 15.01 -7.62
N GLU B 268 -12.27 14.71 -7.66
CA GLU B 268 -12.78 13.63 -8.50
C GLU B 268 -12.90 14.05 -9.95
N THR B 269 -11.77 14.17 -10.65
CA THR B 269 -11.79 14.61 -12.05
C THR B 269 -12.64 13.70 -12.99
N GLY B 270 -12.67 12.41 -12.73
CA GLY B 270 -13.28 11.46 -13.68
C GLY B 270 -12.40 11.09 -14.88
N GLU B 271 -11.11 11.46 -14.84
CA GLU B 271 -10.26 11.29 -16.01
C GLU B 271 -9.78 9.85 -16.14
N LEU B 272 -9.53 9.19 -15.01
CA LEU B 272 -8.81 7.96 -15.00
C LEU B 272 -9.12 7.26 -13.68
N MET B 273 -9.68 6.07 -13.75
CA MET B 273 -9.90 5.20 -12.60
C MET B 273 -8.57 4.81 -11.92
N GLY B 274 -8.58 4.71 -10.59
CA GLY B 274 -7.40 4.30 -9.82
C GLY B 274 -7.69 3.42 -8.60
N ASN B 275 -6.73 3.40 -7.66
CA ASN B 275 -6.82 2.68 -6.38
C ASN B 275 -6.07 3.54 -5.39
N ASN B 276 -6.19 3.17 -4.11
CA ASN B 276 -5.47 3.88 -3.08
C ASN B 276 -4.10 3.27 -2.91
N ARG B 277 -3.10 4.02 -3.32
CA ARG B 277 -1.73 3.76 -2.93
C ARG B 277 -1.05 5.03 -2.39
N CYS B 278 -1.80 5.86 -1.69
CA CYS B 278 -1.24 7.05 -1.05
C CYS B 278 -0.19 6.70 0.01
N LEU B 279 0.68 7.66 0.28
CA LEU B 279 1.67 7.57 1.32
C LEU B 279 1.20 8.48 2.41
N SER B 280 1.27 8.00 3.65
CA SER B 280 0.80 8.80 4.75
C SER B 280 1.63 10.04 4.99
N GLU B 281 1.06 10.97 5.72
CA GLU B 281 1.76 12.19 6.02
C GLU B 281 2.96 11.86 6.91
N PHE B 282 2.79 10.88 7.78
CA PHE B 282 3.83 10.55 8.76
C PHE B 282 5.05 10.08 8.01
N GLN B 283 4.85 9.21 7.03
CA GLN B 283 5.95 8.69 6.23
C GLN B 283 6.57 9.78 5.34
N ALA B 284 5.69 10.59 4.74
CA ALA B 284 6.14 11.70 3.92
C ALA B 284 7.07 12.58 4.70
N ALA B 285 6.69 12.93 5.92
CA ALA B 285 7.52 13.78 6.75
C ALA B 285 8.88 13.20 7.13
N ILE B 286 8.89 11.92 7.47
CA ILE B 286 10.09 11.19 7.74
C ILE B 286 11.00 11.18 6.51
N LEU B 287 10.45 11.00 5.31
CA LEU B 287 11.30 10.93 4.12
C LEU B 287 11.90 12.27 3.81
N ALA B 288 11.15 13.34 4.04
CA ALA B 288 11.72 14.68 3.81
C ALA B 288 12.91 14.92 4.71
N GLU B 289 12.84 14.47 5.96
CA GLU B 289 13.98 14.62 6.88
C GLU B 289 15.14 13.71 6.44
N GLN B 290 14.84 12.46 6.16
CA GLN B 290 15.89 11.50 5.82
C GLN B 290 16.60 11.89 4.50
N LEU B 291 15.91 12.58 3.60
CA LEU B 291 16.50 13.07 2.36
C LEU B 291 17.71 13.99 2.59
N THR B 292 17.66 14.76 3.67
CA THR B 292 18.65 15.78 3.93
C THR B 292 20.03 15.24 4.22
N ILE B 293 20.13 13.97 4.64
CA ILE B 293 21.41 13.32 4.94
C ILE B 293 21.77 12.18 3.97
N LEU B 294 20.91 11.87 3.00
CA LEU B 294 21.18 10.76 2.06
C LEU B 294 22.56 10.86 1.37
N ASP B 295 22.88 12.02 0.79
CA ASP B 295 24.18 12.25 0.15
C ASP B 295 25.37 11.93 1.06
N GLU B 296 25.31 12.42 2.30
CA GLU B 296 26.42 12.17 3.21
C GLU B 296 26.55 10.68 3.47
N GLN B 297 25.44 10.00 3.77
CA GLN B 297 25.48 8.55 4.00
C GLN B 297 25.97 7.72 2.77
N ASN B 298 25.55 8.15 1.58
CA ASN B 298 26.07 7.57 0.38
C ASN B 298 27.61 7.75 0.27
N GLU B 299 28.13 8.89 0.70
CA GLU B 299 29.58 9.12 0.60
C GLU B 299 30.32 8.16 1.49
N THR B 300 29.86 8.02 2.72
CA THR B 300 30.41 7.04 3.65
C THR B 300 30.45 5.62 3.07
N ARG B 301 29.32 5.17 2.54
CA ARG B 301 29.28 3.81 2.00
C ARG B 301 30.27 3.71 0.86
N ARG B 302 30.33 4.76 0.05
CA ARG B 302 31.12 4.76 -1.16
C ARG B 302 32.57 4.55 -0.77
N ALA B 303 33.06 5.32 0.21
CA ALA B 303 34.46 5.24 0.56
C ALA B 303 34.74 3.89 1.20
N ASN B 304 33.84 3.42 2.07
CA ASN B 304 34.14 2.13 2.64
C ASN B 304 34.21 1.05 1.56
N ALA B 305 33.28 1.06 0.60
CA ALA B 305 33.22 0.08 -0.49
C ALA B 305 34.45 0.09 -1.41
N ALA B 306 34.90 1.28 -1.81
CA ALA B 306 36.17 1.42 -2.52
C ALA B 306 37.27 0.65 -1.81
N HIS B 307 37.54 1.01 -0.56
CA HIS B 307 38.56 0.35 0.25
C HIS B 307 38.35 -1.16 0.34
N LEU B 308 37.09 -1.58 0.46
CA LEU B 308 36.85 -3.03 0.57
C LEU B 308 37.05 -3.75 -0.76
N ASP B 309 36.75 -3.07 -1.85
CA ASP B 309 36.99 -3.61 -3.16
C ASP B 309 38.44 -4.16 -3.26
N GLY B 310 39.41 -3.38 -2.77
CA GLY B 310 40.83 -3.72 -2.88
C GLY B 310 41.19 -4.96 -2.10
N LEU B 311 40.87 -4.88 -0.81
CA LEU B 311 41.02 -6.00 0.11
C LEU B 311 40.45 -7.34 -0.39
N LEU B 312 39.23 -7.29 -0.91
CA LEU B 312 38.57 -8.46 -1.44
C LEU B 312 39.17 -8.90 -2.78
N GLY B 313 39.50 -7.96 -3.66
CA GLY B 313 40.32 -8.26 -4.84
C GLY B 313 41.60 -9.03 -4.55
N GLU B 314 42.37 -8.61 -3.55
CA GLU B 314 43.60 -9.34 -3.17
C GLU B 314 43.33 -10.78 -2.75
N LEU B 315 42.09 -11.11 -2.34
CA LEU B 315 41.70 -12.49 -2.09
C LEU B 315 41.17 -13.25 -3.30
N GLY B 316 41.22 -12.64 -4.47
CA GLY B 316 40.67 -13.26 -5.66
C GLY B 316 39.17 -13.10 -5.79
N LEU B 317 38.50 -12.36 -4.91
CA LEU B 317 37.07 -12.13 -5.09
C LEU B 317 36.85 -11.11 -6.20
N ARG B 318 35.69 -11.12 -6.84
CA ARG B 318 35.31 -10.08 -7.82
C ARG B 318 34.08 -9.28 -7.37
N PRO B 319 34.29 -8.08 -6.86
CA PRO B 319 33.16 -7.19 -6.55
C PRO B 319 32.29 -6.89 -7.76
N GLN B 320 30.98 -6.82 -7.57
CA GLN B 320 30.07 -6.26 -8.59
C GLN B 320 30.62 -4.98 -9.22
N THR B 321 30.46 -4.87 -10.52
CA THR B 321 30.94 -3.67 -11.20
C THR B 321 29.76 -2.85 -11.63
N THR B 322 30.01 -1.63 -12.12
CA THR B 322 28.93 -0.72 -12.57
C THR B 322 29.13 -0.44 -14.04
N SER B 323 28.09 0.01 -14.76
CA SER B 323 28.20 0.31 -16.17
C SER B 323 29.12 1.51 -16.43
N ASP B 324 29.84 1.51 -17.55
CA ASP B 324 30.62 2.70 -17.98
C ASP B 324 29.69 3.89 -18.02
N GLY B 325 30.16 5.04 -17.59
CA GLY B 325 29.29 6.20 -17.56
C GLY B 325 28.74 6.50 -16.18
N THR B 326 28.83 5.55 -15.26
CA THR B 326 28.35 5.78 -13.92
C THR B 326 29.19 6.91 -13.41
N THR B 327 28.57 7.93 -12.84
CA THR B 327 29.34 9.00 -12.23
C THR B 327 29.23 8.96 -10.74
N SER B 328 28.21 8.32 -10.17
CA SER B 328 28.40 7.81 -8.82
C SER B 328 27.44 6.71 -8.40
N ARG B 329 27.96 5.85 -7.54
CA ARG B 329 27.26 4.64 -7.13
C ARG B 329 26.62 4.80 -5.77
N THR B 330 25.43 4.21 -5.70
CA THR B 330 24.73 4.05 -4.44
C THR B 330 24.87 2.58 -4.06
N TYR B 331 25.37 2.34 -2.86
CA TYR B 331 25.45 0.97 -2.36
C TYR B 331 24.23 0.59 -1.50
N TYR B 332 23.20 0.03 -2.09
CA TYR B 332 22.19 -0.61 -1.28
C TYR B 332 22.65 -1.94 -0.73
N THR B 333 23.50 -2.59 -1.50
CA THR B 333 24.04 -3.86 -1.05
C THR B 333 25.35 -4.11 -1.78
N TYR B 334 26.31 -4.59 -1.00
CA TYR B 334 27.63 -4.99 -1.51
C TYR B 334 27.54 -6.45 -1.93
N ALA B 335 27.74 -6.67 -3.23
CA ALA B 335 27.69 -7.97 -3.84
C ALA B 335 29.08 -8.35 -4.29
N VAL B 336 29.40 -9.65 -4.22
CA VAL B 336 30.73 -10.12 -4.58
C VAL B 336 30.68 -11.59 -5.02
N ARG B 337 31.27 -11.88 -6.17
CA ARG B 337 31.43 -13.21 -6.74
C ARG B 337 32.65 -13.89 -6.13
N LEU B 338 32.43 -15.12 -5.72
CA LEU B 338 33.47 -15.96 -5.18
C LEU B 338 34.45 -16.28 -6.29
N PRO B 339 35.74 -16.49 -5.93
CA PRO B 339 36.81 -16.77 -6.93
C PRO B 339 36.61 -18.10 -7.63
N ASP B 340 36.88 -18.11 -8.93
CA ASP B 340 36.80 -19.33 -9.73
C ASP B 340 37.78 -20.41 -9.28
N GLY B 341 37.31 -21.66 -9.36
CA GLY B 341 38.02 -22.78 -8.80
C GLY B 341 38.19 -22.75 -7.30
N VAL B 342 37.36 -22.00 -6.59
CA VAL B 342 37.45 -21.98 -5.13
C VAL B 342 36.08 -22.18 -4.48
N LEU B 343 36.05 -23.07 -3.49
CA LEU B 343 34.82 -23.64 -2.93
C LEU B 343 33.80 -23.97 -4.01
N GLU B 344 34.25 -24.30 -5.23
CA GLU B 344 33.35 -24.30 -6.38
C GLU B 344 32.36 -25.45 -6.41
N ASP B 345 32.21 -26.18 -5.32
CA ASP B 345 31.06 -27.09 -5.19
C ASP B 345 30.43 -27.11 -3.79
N VAL B 346 30.69 -26.07 -3.00
CA VAL B 346 29.99 -25.83 -1.73
C VAL B 346 28.78 -24.92 -2.00
N PRO B 347 27.57 -25.35 -1.57
CA PRO B 347 26.44 -24.47 -1.81
C PRO B 347 26.61 -23.03 -1.25
N VAL B 348 26.12 -22.02 -1.98
CA VAL B 348 26.32 -20.61 -1.60
C VAL B 348 25.76 -20.33 -0.22
N THR B 349 24.58 -20.89 0.04
CA THR B 349 23.99 -20.88 1.38
C THR B 349 24.97 -21.34 2.48
N ASP B 350 25.74 -22.36 2.17
CA ASP B 350 26.74 -22.85 3.13
C ASP B 350 27.90 -21.86 3.34
N VAL B 351 28.46 -21.35 2.25
CA VAL B 351 29.47 -20.32 2.36
C VAL B 351 28.92 -19.09 3.09
N SER B 352 27.73 -18.65 2.67
CA SER B 352 27.16 -17.43 3.24
C SER B 352 26.81 -17.61 4.70
N CYS B 353 26.35 -18.79 5.08
CA CYS B 353 26.13 -19.13 6.48
C CYS B 353 27.44 -19.10 7.31
N ALA B 354 28.55 -19.53 6.73
CA ALA B 354 29.83 -19.49 7.42
C ALA B 354 30.37 -18.08 7.60
N LEU B 355 30.26 -17.27 6.56
CA LEU B 355 30.73 -15.89 6.67
C LEU B 355 29.92 -15.18 7.73
N THR B 356 28.62 -15.42 7.73
CA THR B 356 27.78 -14.71 8.72
C THR B 356 28.27 -14.98 10.13
N ALA B 357 28.54 -16.25 10.42
CA ALA B 357 28.92 -16.63 11.78
C ALA B 357 30.26 -16.07 12.15
N GLU B 358 31.14 -15.91 11.16
CA GLU B 358 32.40 -15.20 11.38
C GLU B 358 32.30 -13.70 11.64
N LEU B 359 31.26 -13.07 11.13
CA LEU B 359 31.21 -11.62 11.02
C LEU B 359 30.29 -10.95 12.02
N GLY B 360 29.33 -11.73 12.54
CA GLY B 360 28.23 -11.23 13.34
C GLY B 360 27.37 -10.22 12.57
N PHE B 361 27.31 -10.39 11.24
CA PHE B 361 26.48 -9.57 10.35
C PHE B 361 26.01 -10.44 9.18
N PRO B 362 24.74 -10.29 8.78
CA PRO B 362 24.22 -11.21 7.81
C PRO B 362 24.84 -11.02 6.44
N VAL B 363 25.36 -12.13 5.91
CA VAL B 363 25.84 -12.23 4.55
C VAL B 363 25.01 -13.29 3.84
N LEU B 364 24.41 -12.96 2.68
CA LEU B 364 23.44 -13.81 2.04
C LEU B 364 23.75 -14.06 0.58
N PRO B 365 23.25 -15.18 0.06
CA PRO B 365 23.36 -15.46 -1.36
C PRO B 365 22.71 -14.34 -2.16
N SER B 366 23.05 -14.19 -3.43
CA SER B 366 22.32 -13.24 -4.26
C SER B 366 20.88 -13.74 -4.33
N TYR B 367 19.98 -12.91 -4.87
CA TYR B 367 18.63 -13.35 -5.23
C TYR B 367 18.74 -14.58 -6.12
N ALA B 368 17.78 -15.45 -6.04
CA ALA B 368 17.67 -16.41 -7.09
C ALA B 368 17.18 -15.66 -8.31
N PRO B 369 17.37 -16.25 -9.49
CA PRO B 369 16.63 -15.78 -10.64
C PRO B 369 15.15 -15.95 -10.39
N ILE B 370 14.38 -14.96 -10.83
CA ILE B 370 13.00 -14.87 -10.44
C ILE B 370 12.24 -16.12 -10.87
N PRO B 371 12.38 -16.56 -12.12
CA PRO B 371 11.66 -17.79 -12.48
C PRO B 371 12.01 -19.03 -11.60
N ALA B 372 13.18 -19.02 -10.96
CA ALA B 372 13.58 -20.12 -10.09
C ALA B 372 13.43 -19.76 -8.61
N ASN B 373 12.70 -18.69 -8.34
CA ASN B 373 12.56 -18.18 -6.98
C ASN B 373 11.32 -18.85 -6.44
N ARG B 374 11.38 -19.42 -5.24
CA ARG B 374 10.23 -20.17 -4.73
C ARG B 374 9.07 -19.27 -4.32
N LEU B 375 9.37 -18.00 -4.06
CA LEU B 375 8.38 -16.96 -3.88
C LEU B 375 7.56 -16.62 -5.13
N TYR B 376 8.02 -17.10 -6.30
CA TYR B 376 7.47 -16.79 -7.61
C TYR B 376 6.70 -17.93 -8.22
N THR B 377 5.42 -18.03 -7.86
CA THR B 377 4.51 -19.15 -8.17
C THR B 377 3.11 -18.71 -8.69
N PRO B 378 3.03 -18.28 -9.95
CA PRO B 378 1.77 -17.79 -10.52
C PRO B 378 0.61 -18.74 -10.43
N HIS B 379 0.92 -20.00 -10.59
CA HIS B 379 -0.03 -21.11 -10.45
C HIS B 379 -0.76 -21.04 -9.10
N THR B 380 -0.12 -20.56 -8.03
CA THR B 380 -0.76 -20.49 -6.71
C THR B 380 -1.85 -19.41 -6.54
N ARG B 381 -1.97 -18.46 -7.46
CA ARG B 381 -2.87 -17.32 -7.30
C ARG B 381 -3.92 -17.34 -8.41
N ARG B 382 -5.13 -17.79 -8.06
CA ARG B 382 -6.28 -17.88 -9.01
C ARG B 382 -6.59 -16.56 -9.69
N ARG B 383 -6.17 -15.46 -9.09
CA ARG B 383 -6.19 -14.15 -9.71
C ARG B 383 -5.65 -14.15 -11.14
N TYR B 384 -4.59 -14.93 -11.37
CA TYR B 384 -3.95 -14.92 -12.66
C TYR B 384 -4.51 -15.93 -13.67
N THR B 385 -5.45 -16.78 -13.26
CA THR B 385 -5.97 -17.86 -14.11
C THR B 385 -6.91 -17.31 -15.18
N LEU B 386 -6.34 -16.57 -16.14
CA LEU B 386 -7.10 -15.86 -17.13
C LEU B 386 -7.36 -16.67 -18.39
N GLY B 387 -7.07 -17.95 -18.40
CA GLY B 387 -7.17 -18.71 -19.63
C GLY B 387 -5.82 -19.34 -20.01
N LEU B 388 -5.97 -20.43 -20.75
CA LEU B 388 -4.86 -21.34 -21.02
C LEU B 388 -3.71 -20.57 -21.61
N ASP B 389 -3.96 -19.77 -22.65
CA ASP B 389 -2.89 -19.05 -23.38
C ASP B 389 -2.17 -18.07 -22.49
N HIS B 390 -2.93 -17.35 -21.67
CA HIS B 390 -2.32 -16.47 -20.69
C HIS B 390 -1.46 -17.20 -19.63
N GLU B 391 -2.02 -18.26 -19.07
CA GLU B 391 -1.39 -19.05 -18.02
C GLU B 391 -0.09 -19.65 -18.51
N ARG B 392 -0.05 -20.10 -19.75
CA ARG B 392 1.17 -20.61 -20.31
C ARG B 392 2.20 -19.49 -20.46
N ARG B 393 1.77 -18.29 -20.87
CA ARG B 393 2.72 -17.22 -21.11
C ARG B 393 3.37 -16.74 -19.83
N ILE B 394 2.69 -16.89 -18.70
CA ILE B 394 3.18 -16.44 -17.42
C ILE B 394 3.82 -17.56 -16.61
N ASP B 395 3.93 -18.74 -17.20
CA ASP B 395 4.64 -19.85 -16.56
C ASP B 395 6.15 -19.60 -16.53
N PRO B 396 6.78 -19.57 -15.34
CA PRO B 396 8.20 -19.27 -15.27
C PRO B 396 9.11 -20.37 -15.83
N LYS B 397 8.59 -21.59 -15.96
CA LYS B 397 9.27 -22.72 -16.58
C LYS B 397 9.72 -22.47 -18.00
N ARG B 398 9.08 -21.57 -18.72
CA ARG B 398 9.51 -21.23 -20.08
C ARG B 398 10.90 -20.58 -20.17
N PHE B 399 11.39 -19.96 -19.11
CA PHE B 399 12.62 -19.20 -19.12
C PHE B 399 13.90 -19.97 -18.82
N ALA B 400 14.98 -19.55 -19.49
CA ALA B 400 16.35 -20.01 -19.31
C ALA B 400 17.31 -18.81 -19.19
N LEU B 401 18.01 -18.65 -18.07
CA LEU B 401 18.79 -17.43 -17.77
C LEU B 401 20.18 -17.80 -17.28
N PRO B 402 21.03 -18.27 -18.21
CA PRO B 402 22.30 -18.85 -17.76
C PRO B 402 23.20 -17.94 -16.90
N VAL B 403 23.24 -16.66 -17.20
CA VAL B 403 24.13 -15.74 -16.44
C VAL B 403 23.54 -15.52 -15.04
N CYS B 404 22.23 -15.22 -15.01
CA CYS B 404 21.56 -15.10 -13.72
C CYS B 404 21.77 -16.29 -12.84
N GLU B 405 21.63 -17.48 -13.46
CA GLU B 405 21.82 -18.74 -12.71
C GLU B 405 23.22 -18.83 -12.13
N ASP B 406 24.23 -18.46 -12.91
CA ASP B 406 25.64 -18.59 -12.49
C ASP B 406 25.99 -17.60 -11.39
N ALA B 407 25.56 -16.36 -11.59
CA ALA B 407 25.78 -15.37 -10.57
C ALA B 407 25.13 -15.74 -9.28
N ALA B 408 23.90 -16.25 -9.34
CA ALA B 408 23.15 -16.68 -8.15
C ALA B 408 23.89 -17.82 -7.47
N ARG B 409 24.51 -18.70 -8.27
CA ARG B 409 25.22 -19.81 -7.65
C ARG B 409 26.54 -19.38 -7.02
N ARG B 410 27.10 -18.22 -7.35
CA ARG B 410 28.44 -17.86 -6.89
C ARG B 410 28.57 -16.51 -6.16
N THR B 411 27.47 -15.78 -5.99
CA THR B 411 27.55 -14.44 -5.45
C THR B 411 26.91 -14.32 -4.09
N VAL B 412 27.56 -13.59 -3.21
CA VAL B 412 27.05 -13.35 -1.86
C VAL B 412 27.00 -11.85 -1.64
N THR B 413 26.26 -11.44 -0.62
CA THR B 413 25.90 -10.04 -0.48
C THR B 413 25.87 -9.63 0.97
N LEU B 414 26.12 -8.34 1.17
CA LEU B 414 26.03 -7.70 2.47
C LEU B 414 25.21 -6.43 2.31
N HIS B 415 24.19 -6.30 3.14
CA HIS B 415 23.43 -5.08 3.23
C HIS B 415 24.30 -3.92 3.71
N HIS B 416 23.95 -2.75 3.21
CA HIS B 416 24.73 -1.54 3.26
C HIS B 416 25.03 -0.95 4.63
N ALA B 417 24.26 -1.32 5.64
CA ALA B 417 24.64 -1.06 7.05
C ALA B 417 26.10 -1.44 7.40
N ALA B 418 26.63 -2.51 6.81
CA ALA B 418 28.04 -2.88 7.00
C ALA B 418 29.01 -1.76 6.53
N LEU B 419 28.61 -1.06 5.48
CA LEU B 419 29.41 -0.02 4.88
C LEU B 419 29.32 1.32 5.60
N LEU B 420 28.56 1.42 6.68
CA LEU B 420 28.46 2.67 7.44
C LEU B 420 29.46 2.89 8.57
N GLY B 421 30.40 1.96 8.78
CA GLY B 421 31.44 2.06 9.81
C GLY B 421 32.80 2.55 9.34
N ASP B 422 33.89 2.00 9.91
CA ASP B 422 35.31 2.39 9.71
C ASP B 422 35.97 1.53 8.63
N ALA B 423 37.22 1.82 8.35
CA ALA B 423 38.14 0.87 7.72
C ALA B 423 38.42 -0.39 8.52
N ASP B 424 38.46 -0.32 9.86
CA ASP B 424 38.50 -1.58 10.63
C ASP B 424 37.35 -2.52 10.30
N ASP B 425 36.18 -1.94 10.06
CA ASP B 425 35.04 -2.74 9.70
C ASP B 425 35.32 -3.48 8.39
N MET B 426 35.83 -2.76 7.38
CA MET B 426 36.16 -3.41 6.10
C MET B 426 37.16 -4.59 6.22
N GLY B 427 38.18 -4.42 7.07
CA GLY B 427 39.11 -5.46 7.39
C GLY B 427 38.41 -6.63 8.05
N ASP B 428 37.42 -6.42 8.92
CA ASP B 428 36.70 -7.57 9.44
C ASP B 428 36.05 -8.37 8.35
N ILE B 429 35.44 -7.66 7.41
CA ILE B 429 34.80 -8.33 6.30
C ILE B 429 35.84 -9.19 5.57
N ALA B 430 36.95 -8.56 5.15
CA ALA B 430 38.00 -9.28 4.39
C ALA B 430 38.51 -10.45 5.17
N ALA B 431 38.74 -10.19 6.47
CA ALA B 431 39.26 -11.23 7.35
C ALA B 431 38.29 -12.42 7.51
N ALA B 432 36.97 -12.18 7.40
CA ALA B 432 35.99 -13.28 7.40
C ALA B 432 36.02 -14.10 6.11
N PHE B 433 36.11 -13.43 4.98
CA PHE B 433 36.29 -14.00 3.68
C PHE B 433 37.57 -14.87 3.61
N ALA B 434 38.69 -14.29 3.98
CA ALA B 434 39.95 -14.97 4.06
C ALA B 434 39.85 -16.28 4.84
N LYS B 435 39.27 -16.21 6.02
CA LYS B 435 39.13 -17.34 6.88
C LYS B 435 38.22 -18.41 6.29
N VAL B 436 37.12 -18.02 5.66
CA VAL B 436 36.17 -18.98 5.13
C VAL B 436 36.82 -19.68 3.97
N LEU B 437 37.56 -18.93 3.19
CA LEU B 437 38.17 -19.47 2.03
C LEU B 437 39.17 -20.58 2.35
N ARG B 438 39.29 -20.91 3.61
CA ARG B 438 39.82 -22.21 4.07
C ARG B 438 39.04 -22.74 5.27
O2P 9YM C . -7.64 2.06 1.09
P 9YM C . -8.45 2.76 2.17
O3P 9YM C . -8.79 4.12 1.55
O1P 9YM C . -7.71 2.89 3.47
O4P 9YM C . -9.84 2.04 2.48
C5A 9YM C . -10.64 1.64 1.37
C5 9YM C . -12.06 1.51 1.84
C4 9YM C . -12.75 2.59 2.39
C4A 9YM C . -12.17 3.93 2.49
C3 9YM C . -14.18 2.44 2.80
O3 9YM C . -14.84 3.39 3.34
C2 9YM C . -14.72 1.08 2.72
C2A 9YM C . -16.14 0.77 3.14
N1 9YM C . -13.95 0.12 2.17
C6 9YM C . -12.70 0.28 1.76
OD4 9YM C . -12.12 10.26 0.61
CD4 9YM C . -12.26 8.83 0.63
CD5 9YM C . -11.03 8.15 1.26
OD5 9YM C . -9.78 8.27 0.59
CD6 9YM C . -11.23 6.65 1.52
OD6 9YM C . -10.23 6.31 2.51
CD3 9YM C . -13.46 8.60 1.56
ND3 9YM C . -14.70 9.23 1.11
CD2 9YM C . -13.81 7.13 1.66
CD1 9YM C . -12.61 6.38 2.15
ND1 9YM C . -12.99 4.95 2.16
O2P 9YM D . 7.17 -2.82 -2.16
P 9YM D . 8.61 -2.55 -1.76
O3P 9YM D . 9.14 -3.69 -0.87
O1P 9YM D . 8.87 -1.22 -1.09
O4P 9YM D . 9.59 -2.41 -3.04
C5A 9YM D . 9.55 -3.38 -4.06
C5 9YM D . 10.88 -3.44 -4.78
C4 9YM D . 12.09 -3.68 -4.16
C4A 9YM D . 12.23 -3.94 -2.72
C3 9YM D . 13.29 -3.80 -4.97
O3 9YM D . 14.41 -3.95 -4.43
C2 9YM D . 13.19 -3.51 -6.40
C2A 9YM D . 14.43 -3.57 -7.26
N1 9YM D . 11.97 -3.28 -6.92
C6 9YM D . 10.87 -3.23 -6.17
OD4 9YM D . 13.19 -8.45 2.16
CD4 9YM D . 12.95 -7.72 0.94
CD5 9YM D . 12.11 -6.46 1.18
OD5 9YM D . 10.84 -6.74 1.77
CD6 9YM D . 11.90 -5.79 -0.17
OD6 9YM D . 11.41 -4.49 0.10
CD3 9YM D . 14.30 -7.32 0.33
ND3 9YM D . 15.16 -8.46 0.12
CD2 9YM D . 14.18 -6.66 -1.02
CD1 9YM D . 13.19 -5.54 -0.97
ND1 9YM D . 12.93 -5.03 -2.35
C1 EDO E . 16.14 -24.48 -16.60
O1 EDO E . 15.54 -23.51 -17.46
C2 EDO E . 16.59 -23.74 -15.36
O2 EDO E . 17.05 -24.69 -14.39
#